data_9CSP
# 
_entry.id   9CSP 
# 
_audit_conform.dict_name       mmcif_pdbx.dic 
_audit_conform.dict_version    5.403 
_audit_conform.dict_location   http://mmcif.pdb.org/dictionaries/ascii/mmcif_pdbx.dic 
# 
loop_
_database_2.database_id 
_database_2.database_code 
_database_2.pdbx_database_accession 
_database_2.pdbx_DOI 
PDB   9CSP         pdb_00009csp 10.2210/pdb9csp/pdb 
WWPDB D_1000285479 ?            ?                   
# 
loop_
_pdbx_audit_revision_history.ordinal 
_pdbx_audit_revision_history.data_content_type 
_pdbx_audit_revision_history.major_revision 
_pdbx_audit_revision_history.minor_revision 
_pdbx_audit_revision_history.revision_date 
_pdbx_audit_revision_history.part_number 
1 'Structure model' 1 0 2025-05-14 ? 
2 'Structure model' 1 1 2025-05-28 ? 
# 
_pdbx_audit_revision_details.ordinal             1 
_pdbx_audit_revision_details.revision_ordinal    1 
_pdbx_audit_revision_details.data_content_type   'Structure model' 
_pdbx_audit_revision_details.provider            repository 
_pdbx_audit_revision_details.type                'Initial release' 
_pdbx_audit_revision_details.description         ? 
_pdbx_audit_revision_details.details             ? 
# 
_pdbx_audit_revision_group.ordinal             1 
_pdbx_audit_revision_group.revision_ordinal    2 
_pdbx_audit_revision_group.data_content_type   'Structure model' 
_pdbx_audit_revision_group.group               'Database references' 
# 
loop_
_pdbx_audit_revision_category.ordinal 
_pdbx_audit_revision_category.revision_ordinal 
_pdbx_audit_revision_category.data_content_type 
_pdbx_audit_revision_category.category 
1 2 'Structure model' citation        
2 2 'Structure model' citation_author 
# 
loop_
_pdbx_audit_revision_item.ordinal 
_pdbx_audit_revision_item.revision_ordinal 
_pdbx_audit_revision_item.data_content_type 
_pdbx_audit_revision_item.item 
1  2 'Structure model' '_citation.country'                 
2  2 'Structure model' '_citation.journal_abbrev'          
3  2 'Structure model' '_citation.journal_id_ASTM'         
4  2 'Structure model' '_citation.journal_id_CSD'          
5  2 'Structure model' '_citation.journal_id_ISSN'         
6  2 'Structure model' '_citation.journal_volume'          
7  2 'Structure model' '_citation.page_first'              
8  2 'Structure model' '_citation.page_last'               
9  2 'Structure model' '_citation.pdbx_database_id_DOI'    
10 2 'Structure model' '_citation.pdbx_database_id_PubMed' 
11 2 'Structure model' '_citation.title'                   
12 2 'Structure model' '_citation.year'                    
# 
_pdbx_database_status.status_code                     REL 
_pdbx_database_status.status_code_sf                  REL 
_pdbx_database_status.status_code_mr                  ? 
_pdbx_database_status.entry_id                        9CSP 
_pdbx_database_status.recvd_initial_deposition_date   2024-07-24 
_pdbx_database_status.SG_entry                        N 
_pdbx_database_status.deposit_site                    RCSB 
_pdbx_database_status.process_site                    RCSB 
_pdbx_database_status.status_code_cs                  ? 
_pdbx_database_status.status_code_nmr_data            ? 
_pdbx_database_status.methods_development_category    ? 
_pdbx_database_status.pdb_format_compatible           Y 
# 
_pdbx_contact_author.id                 2 
_pdbx_contact_author.email              jwszostak@uchicago.edu 
_pdbx_contact_author.name_first         Jack 
_pdbx_contact_author.name_last          Szostak 
_pdbx_contact_author.name_mi            W. 
_pdbx_contact_author.role               'principal investigator/group leader' 
_pdbx_contact_author.identifier_ORCID   0000-0003-4131-1203 
# 
loop_
_audit_author.name 
_audit_author.pdbx_ordinal 
_audit_author.identifier_ORCID 
'Fang, Z.'      1 0000-0001-8679-6633 
'Jia, X.'       2 0000-0001-9094-9882 
'Szostak, J.W.' 3 0000-0003-4131-1203 
# 
_citation.abstract                  ? 
_citation.abstract_id_CAS           ? 
_citation.book_id_ISBN              ? 
_citation.book_publisher            ? 
_citation.book_publisher_city       ? 
_citation.book_title                ? 
_citation.coordinate_linkage        ? 
_citation.country                   US 
_citation.database_id_Medline       ? 
_citation.details                   ? 
_citation.id                        primary 
_citation.journal_abbrev            Proc.Natl.Acad.Sci.USA 
_citation.journal_id_ASTM           PNASA6 
_citation.journal_id_CSD            0040 
_citation.journal_id_ISSN           1091-6490 
_citation.journal_full              ? 
_citation.journal_issue             ? 
_citation.journal_volume            122 
_citation.language                  ? 
_citation.page_first                e2505720122 
_citation.page_last                 e2505720122 
_citation.title                     'Nonenzymatic RNA copying with a potentially primordial genetic alphabet.' 
_citation.year                      2025 
_citation.database_id_CSD           ? 
_citation.pdbx_database_id_DOI      10.1073/pnas.2505720122 
_citation.pdbx_database_id_PubMed   40397670 
_citation.pdbx_database_id_patent   ? 
_citation.unpublished_flag          ? 
# 
loop_
_citation_author.citation_id 
_citation_author.name 
_citation_author.ordinal 
_citation_author.identifier_ORCID 
primary 'Fang, Z.'      1 0000-0001-8679-6633 
primary 'Jia, X.'       2 0000-0001-9094-9882 
primary 'Xing, Y.'      3 0000-0002-4549-8370 
primary 'Szostak, J.W.' 4 0000-0003-4131-1203 
# 
loop_
_entity.id 
_entity.type 
_entity.src_method 
_entity.pdbx_description 
_entity.formula_weight 
_entity.pdbx_number_of_molecules 
_entity.pdbx_ec 
_entity.pdbx_mutation 
_entity.pdbx_fragment 
_entity.details 
1 polymer     syn 'RNA strand with s(2)C:G pair sequence 2' 5099.128 1   ? ? ? ? 
2 non-polymer syn 'MAGNESIUM ION'                           24.305   2   ? ? ? ? 
3 water       nat water                                     18.015   103 ? ? ? ? 
# 
_entity_poly.entity_id                      1 
_entity_poly.type                           polyribonucleotide 
_entity_poly.nstd_linkage                   no 
_entity_poly.nstd_monomer                   yes 
_entity_poly.pdbx_seq_one_letter_code       'AGAGAAGAU(RSP)UUCUCU' 
_entity_poly.pdbx_seq_one_letter_code_can   AGAGAAGAUCUUCUCU 
_entity_poly.pdbx_strand_id                 A 
_entity_poly.pdbx_target_identifier         ? 
# 
loop_
_pdbx_entity_nonpoly.entity_id 
_pdbx_entity_nonpoly.name 
_pdbx_entity_nonpoly.comp_id 
2 'MAGNESIUM ION' MG  
3 water           HOH 
# 
loop_
_entity_poly_seq.entity_id 
_entity_poly_seq.num 
_entity_poly_seq.mon_id 
_entity_poly_seq.hetero 
1 1  A   n 
1 2  G   n 
1 3  A   n 
1 4  G   n 
1 5  A   n 
1 6  A   n 
1 7  G   n 
1 8  A   n 
1 9  U   n 
1 10 RSP n 
1 11 U   n 
1 12 U   n 
1 13 C   n 
1 14 U   n 
1 15 C   n 
1 16 U   n 
# 
_pdbx_entity_src_syn.entity_id              1 
_pdbx_entity_src_syn.pdbx_src_id            1 
_pdbx_entity_src_syn.pdbx_alt_source_flag   sample 
_pdbx_entity_src_syn.pdbx_beg_seq_num       1 
_pdbx_entity_src_syn.pdbx_end_seq_num       16 
_pdbx_entity_src_syn.organism_scientific    'synthetic construct' 
_pdbx_entity_src_syn.organism_common_name   ? 
_pdbx_entity_src_syn.ncbi_taxonomy_id       32630 
_pdbx_entity_src_syn.details                ? 
# 
loop_
_chem_comp.id 
_chem_comp.type 
_chem_comp.mon_nstd_flag 
_chem_comp.name 
_chem_comp.pdbx_synonyms 
_chem_comp.formula 
_chem_comp.formula_weight 
A   'RNA linking' y "ADENOSINE-5'-MONOPHOSPHATE"                                            ? 'C10 H14 N5 O7 P'  347.221 
C   'RNA linking' y "CYTIDINE-5'-MONOPHOSPHATE"                                             ? 'C9 H14 N3 O8 P'   323.197 
G   'RNA linking' y "GUANOSINE-5'-MONOPHOSPHATE"                                            ? 'C10 H14 N5 O8 P'  363.221 
HOH non-polymer   . WATER                                                                   ? 'H2 O'             18.015  
MG  non-polymer   . 'MAGNESIUM ION'                                                         ? 'Mg 2'             24.305  
RSP 'RNA linking' n '4-amino-1-(5-O-phosphono-beta-D-ribofuranosyl)pyrimidine-2(1H)-thione' ? 'C9 H14 N3 O7 P S' 339.262 
U   'RNA linking' y "URIDINE-5'-MONOPHOSPHATE"                                              ? 'C9 H13 N2 O9 P'   324.181 
# 
loop_
_pdbx_poly_seq_scheme.asym_id 
_pdbx_poly_seq_scheme.entity_id 
_pdbx_poly_seq_scheme.seq_id 
_pdbx_poly_seq_scheme.mon_id 
_pdbx_poly_seq_scheme.ndb_seq_num 
_pdbx_poly_seq_scheme.pdb_seq_num 
_pdbx_poly_seq_scheme.auth_seq_num 
_pdbx_poly_seq_scheme.pdb_mon_id 
_pdbx_poly_seq_scheme.auth_mon_id 
_pdbx_poly_seq_scheme.pdb_strand_id 
_pdbx_poly_seq_scheme.pdb_ins_code 
_pdbx_poly_seq_scheme.hetero 
A 1 1  A   1  1  1  A   A   A . n 
A 1 2  G   2  2  2  G   G   A . n 
A 1 3  A   3  3  3  A   A   A . n 
A 1 4  G   4  4  4  G   G   A . n 
A 1 5  A   5  5  5  A   A   A . n 
A 1 6  A   6  6  6  A   A   A . n 
A 1 7  G   7  7  7  G   G   A . n 
A 1 8  A   8  8  8  A   A   A . n 
A 1 9  U   9  9  9  U   U   A . n 
A 1 10 RSP 10 10 10 RSP RSP A . n 
A 1 11 U   11 11 11 U   U   A . n 
A 1 12 U   12 12 12 U   U   A . n 
A 1 13 C   13 13 13 C   C   A . n 
A 1 14 U   14 14 14 U   U   A . n 
A 1 15 C   15 15 15 C   C   A . n 
A 1 16 U   16 16 16 U   U   A . n 
# 
_pdbx_entity_instance_feature.ordinal        1 
_pdbx_entity_instance_feature.comp_id        RSP 
_pdbx_entity_instance_feature.asym_id        ? 
_pdbx_entity_instance_feature.seq_num        ? 
_pdbx_entity_instance_feature.auth_comp_id   RSP 
_pdbx_entity_instance_feature.auth_asym_id   ? 
_pdbx_entity_instance_feature.auth_seq_num   ? 
_pdbx_entity_instance_feature.feature_type   'SUBJECT OF INVESTIGATION' 
_pdbx_entity_instance_feature.details        ? 
# 
loop_
_pdbx_nonpoly_scheme.asym_id 
_pdbx_nonpoly_scheme.entity_id 
_pdbx_nonpoly_scheme.mon_id 
_pdbx_nonpoly_scheme.ndb_seq_num 
_pdbx_nonpoly_scheme.pdb_seq_num 
_pdbx_nonpoly_scheme.auth_seq_num 
_pdbx_nonpoly_scheme.pdb_mon_id 
_pdbx_nonpoly_scheme.auth_mon_id 
_pdbx_nonpoly_scheme.pdb_strand_id 
_pdbx_nonpoly_scheme.pdb_ins_code 
B 2 MG  1   101 1   MG  MG  A . 
C 2 MG  1   102 2   MG  MG  A . 
D 3 HOH 1   201 64  HOH HOH A . 
D 3 HOH 2   202 92  HOH HOH A . 
D 3 HOH 3   203 100 HOH HOH A . 
D 3 HOH 4   204 94  HOH HOH A . 
D 3 HOH 5   205 98  HOH HOH A . 
D 3 HOH 6   206 53  HOH HOH A . 
D 3 HOH 7   207 41  HOH HOH A . 
D 3 HOH 8   208 20  HOH HOH A . 
D 3 HOH 9   209 11  HOH HOH A . 
D 3 HOH 10  210 60  HOH HOH A . 
D 3 HOH 11  211 17  HOH HOH A . 
D 3 HOH 12  212 85  HOH HOH A . 
D 3 HOH 13  213 96  HOH HOH A . 
D 3 HOH 14  214 84  HOH HOH A . 
D 3 HOH 15  215 79  HOH HOH A . 
D 3 HOH 16  216 31  HOH HOH A . 
D 3 HOH 17  217 67  HOH HOH A . 
D 3 HOH 18  218 8   HOH HOH A . 
D 3 HOH 19  219 13  HOH HOH A . 
D 3 HOH 20  220 43  HOH HOH A . 
D 3 HOH 21  221 5   HOH HOH A . 
D 3 HOH 22  222 51  HOH HOH A . 
D 3 HOH 23  223 26  HOH HOH A . 
D 3 HOH 24  224 58  HOH HOH A . 
D 3 HOH 25  225 71  HOH HOH A . 
D 3 HOH 26  226 32  HOH HOH A . 
D 3 HOH 27  227 70  HOH HOH A . 
D 3 HOH 28  228 39  HOH HOH A . 
D 3 HOH 29  229 83  HOH HOH A . 
D 3 HOH 30  230 49  HOH HOH A . 
D 3 HOH 31  231 72  HOH HOH A . 
D 3 HOH 32  232 89  HOH HOH A . 
D 3 HOH 33  233 2   HOH HOH A . 
D 3 HOH 34  234 62  HOH HOH A . 
D 3 HOH 35  235 4   HOH HOH A . 
D 3 HOH 36  236 82  HOH HOH A . 
D 3 HOH 37  237 7   HOH HOH A . 
D 3 HOH 38  238 48  HOH HOH A . 
D 3 HOH 39  239 6   HOH HOH A . 
D 3 HOH 40  240 47  HOH HOH A . 
D 3 HOH 41  241 24  HOH HOH A . 
D 3 HOH 42  242 15  HOH HOH A . 
D 3 HOH 43  243 1   HOH HOH A . 
D 3 HOH 44  244 44  HOH HOH A . 
D 3 HOH 45  245 65  HOH HOH A . 
D 3 HOH 46  246 88  HOH HOH A . 
D 3 HOH 47  247 30  HOH HOH A . 
D 3 HOH 48  248 80  HOH HOH A . 
D 3 HOH 49  249 34  HOH HOH A . 
D 3 HOH 50  250 23  HOH HOH A . 
D 3 HOH 51  251 14  HOH HOH A . 
D 3 HOH 52  252 28  HOH HOH A . 
D 3 HOH 53  253 33  HOH HOH A . 
D 3 HOH 54  254 25  HOH HOH A . 
D 3 HOH 55  255 16  HOH HOH A . 
D 3 HOH 56  256 10  HOH HOH A . 
D 3 HOH 57  257 93  HOH HOH A . 
D 3 HOH 58  258 9   HOH HOH A . 
D 3 HOH 59  259 61  HOH HOH A . 
D 3 HOH 60  260 22  HOH HOH A . 
D 3 HOH 61  261 87  HOH HOH A . 
D 3 HOH 62  262 21  HOH HOH A . 
D 3 HOH 63  263 38  HOH HOH A . 
D 3 HOH 64  264 66  HOH HOH A . 
D 3 HOH 65  265 42  HOH HOH A . 
D 3 HOH 66  266 12  HOH HOH A . 
D 3 HOH 67  267 103 HOH HOH A . 
D 3 HOH 68  268 52  HOH HOH A . 
D 3 HOH 69  269 45  HOH HOH A . 
D 3 HOH 70  270 63  HOH HOH A . 
D 3 HOH 71  271 27  HOH HOH A . 
D 3 HOH 72  272 29  HOH HOH A . 
D 3 HOH 73  273 18  HOH HOH A . 
D 3 HOH 74  274 77  HOH HOH A . 
D 3 HOH 75  275 97  HOH HOH A . 
D 3 HOH 76  276 19  HOH HOH A . 
D 3 HOH 77  277 36  HOH HOH A . 
D 3 HOH 78  278 78  HOH HOH A . 
D 3 HOH 79  279 35  HOH HOH A . 
D 3 HOH 80  280 90  HOH HOH A . 
D 3 HOH 81  281 81  HOH HOH A . 
D 3 HOH 82  282 91  HOH HOH A . 
D 3 HOH 83  283 50  HOH HOH A . 
D 3 HOH 84  284 104 HOH HOH A . 
D 3 HOH 85  285 46  HOH HOH A . 
D 3 HOH 86  286 68  HOH HOH A . 
D 3 HOH 87  287 76  HOH HOH A . 
D 3 HOH 88  288 3   HOH HOH A . 
D 3 HOH 89  289 69  HOH HOH A . 
D 3 HOH 90  290 86  HOH HOH A . 
D 3 HOH 91  291 54  HOH HOH A . 
D 3 HOH 92  292 40  HOH HOH A . 
D 3 HOH 93  293 37  HOH HOH A . 
D 3 HOH 94  294 101 HOH HOH A . 
D 3 HOH 95  295 95  HOH HOH A . 
D 3 HOH 96  296 105 HOH HOH A . 
D 3 HOH 97  297 59  HOH HOH A . 
D 3 HOH 98  298 75  HOH HOH A . 
D 3 HOH 99  299 102 HOH HOH A . 
D 3 HOH 100 300 73  HOH HOH A . 
D 3 HOH 101 301 74  HOH HOH A . 
D 3 HOH 102 302 99  HOH HOH A . 
D 3 HOH 103 303 56  HOH HOH A . 
# 
loop_
_software.citation_id 
_software.classification 
_software.compiler_name 
_software.compiler_version 
_software.contact_author 
_software.contact_author_email 
_software.date 
_software.description 
_software.dependencies 
_software.hardware 
_software.language 
_software.location 
_software.mods 
_software.name 
_software.os 
_software.os_version 
_software.type 
_software.version 
_software.pdbx_ordinal 
? refinement       ? ? ? ? ? ? ? ? ? ? ? REFMAC   ? ? ? 5.8.0425 1 
? 'data reduction' ? ? ? ? ? ? ? ? ? ? ? HKL-2000 ? ? ? .        2 
? 'data scaling'   ? ? ? ? ? ? ? ? ? ? ? HKL-2000 ? ? ? .        3 
? phasing          ? ? ? ? ? ? ? ? ? ? ? PHASER   ? ? ? .        4 
# 
_cell.angle_alpha                  90.000 
_cell.angle_alpha_esd              ? 
_cell.angle_beta                   90.000 
_cell.angle_beta_esd               ? 
_cell.angle_gamma                  120.000 
_cell.angle_gamma_esd              ? 
_cell.entry_id                     9CSP 
_cell.details                      ? 
_cell.formula_units_Z              ? 
_cell.length_a                     41.217 
_cell.length_a_esd                 ? 
_cell.length_b                     41.217 
_cell.length_b_esd                 ? 
_cell.length_c                     123.468 
_cell.length_c_esd                 ? 
_cell.volume                       ? 
_cell.volume_esd                   ? 
_cell.Z_PDB                        18 
_cell.reciprocal_angle_alpha       ? 
_cell.reciprocal_angle_beta        ? 
_cell.reciprocal_angle_gamma       ? 
_cell.reciprocal_angle_alpha_esd   ? 
_cell.reciprocal_angle_beta_esd    ? 
_cell.reciprocal_angle_gamma_esd   ? 
_cell.reciprocal_length_a          ? 
_cell.reciprocal_length_b          ? 
_cell.reciprocal_length_c          ? 
_cell.reciprocal_length_a_esd      ? 
_cell.reciprocal_length_b_esd      ? 
_cell.reciprocal_length_c_esd      ? 
_cell.pdbx_unique_axis             ? 
_cell.pdbx_esd_method              ? 
# 
_symmetry.entry_id                         9CSP 
_symmetry.cell_setting                     ? 
_symmetry.Int_Tables_number                155 
_symmetry.space_group_name_Hall            ? 
_symmetry.space_group_name_H-M             'H 3 2' 
_symmetry.pdbx_full_space_group_name_H-M   ? 
# 
_exptl.absorpt_coefficient_mu     ? 
_exptl.absorpt_correction_T_max   ? 
_exptl.absorpt_correction_T_min   ? 
_exptl.absorpt_correction_type    ? 
_exptl.absorpt_process_details    ? 
_exptl.entry_id                   9CSP 
_exptl.crystals_number            1 
_exptl.details                    ? 
_exptl.method                     'X-RAY DIFFRACTION' 
_exptl.method_details             ? 
# 
_exptl_crystal.colour                       ? 
_exptl_crystal.density_diffrn               ? 
_exptl_crystal.density_Matthews             1.98 
_exptl_crystal.density_method               ? 
_exptl_crystal.density_percent_sol          37.85 
_exptl_crystal.description                  ? 
_exptl_crystal.F_000                        ? 
_exptl_crystal.id                           1 
_exptl_crystal.preparation                  ? 
_exptl_crystal.size_max                     ? 
_exptl_crystal.size_mid                     ? 
_exptl_crystal.size_min                     ? 
_exptl_crystal.size_rad                     ? 
_exptl_crystal.colour_lustre                ? 
_exptl_crystal.colour_modifier              ? 
_exptl_crystal.colour_primary               ? 
_exptl_crystal.density_meas                 ? 
_exptl_crystal.density_meas_esd             ? 
_exptl_crystal.density_meas_gt              ? 
_exptl_crystal.density_meas_lt              ? 
_exptl_crystal.density_meas_temp            ? 
_exptl_crystal.density_meas_temp_esd        ? 
_exptl_crystal.density_meas_temp_gt         ? 
_exptl_crystal.density_meas_temp_lt         ? 
_exptl_crystal.pdbx_crystal_image_url       ? 
_exptl_crystal.pdbx_crystal_image_format    ? 
_exptl_crystal.pdbx_mosaicity               ? 
_exptl_crystal.pdbx_mosaicity_esd           ? 
_exptl_crystal.pdbx_mosaic_method           ? 
_exptl_crystal.pdbx_mosaic_block_size       ? 
_exptl_crystal.pdbx_mosaic_block_size_esd   ? 
# 
_exptl_crystal_grow.apparatus       ? 
_exptl_crystal_grow.atmosphere      ? 
_exptl_crystal_grow.crystal_id      1 
_exptl_crystal_grow.details         ? 
_exptl_crystal_grow.method          'VAPOR DIFFUSION, SITTING DROP' 
_exptl_crystal_grow.method_ref      ? 
_exptl_crystal_grow.pH              7.5 
_exptl_crystal_grow.pressure        ? 
_exptl_crystal_grow.pressure_esd    ? 
_exptl_crystal_grow.seeding         ? 
_exptl_crystal_grow.seeding_ref     ? 
_exptl_crystal_grow.temp_details    ? 
_exptl_crystal_grow.temp_esd        ? 
_exptl_crystal_grow.time            ? 
_exptl_crystal_grow.pdbx_details    
'0.2 M Magnesium chloride hexahydrate, 0.1 M HEPES sodium pH 7.5, 30% v/v Polyethylene glycol 400' 
_exptl_crystal_grow.pdbx_pH_range   ? 
_exptl_crystal_grow.temp            293 
# 
_diffrn.ambient_environment              ? 
_diffrn.ambient_temp                     99 
_diffrn.ambient_temp_details             ? 
_diffrn.ambient_temp_esd                 ? 
_diffrn.crystal_id                       1 
_diffrn.crystal_support                  ? 
_diffrn.crystal_treatment                ? 
_diffrn.details                          ? 
_diffrn.id                               1 
_diffrn.ambient_pressure                 ? 
_diffrn.ambient_pressure_esd             ? 
_diffrn.ambient_pressure_gt              ? 
_diffrn.ambient_pressure_lt              ? 
_diffrn.ambient_temp_gt                  ? 
_diffrn.ambient_temp_lt                  ? 
_diffrn.pdbx_serial_crystal_experiment   N 
# 
_diffrn_detector.details                      ? 
_diffrn_detector.detector                     PIXEL 
_diffrn_detector.diffrn_id                    1 
_diffrn_detector.type                         'DECTRIS EIGER2 S 9M' 
_diffrn_detector.area_resol_mean              ? 
_diffrn_detector.dtime                        ? 
_diffrn_detector.pdbx_frames_total            ? 
_diffrn_detector.pdbx_collection_time_total   ? 
_diffrn_detector.pdbx_collection_date         2024-06-27 
_diffrn_detector.pdbx_frequency               ? 
_diffrn_detector.id                           ? 
_diffrn_detector.number_of_axes               ? 
# 
_diffrn_radiation.collimation                      ? 
_diffrn_radiation.diffrn_id                        1 
_diffrn_radiation.filter_edge                      ? 
_diffrn_radiation.inhomogeneity                    ? 
_diffrn_radiation.monochromator                    ? 
_diffrn_radiation.polarisn_norm                    ? 
_diffrn_radiation.polarisn_ratio                   ? 
_diffrn_radiation.probe                            ? 
_diffrn_radiation.type                             ? 
_diffrn_radiation.xray_symbol                      ? 
_diffrn_radiation.wavelength_id                    1 
_diffrn_radiation.pdbx_monochromatic_or_laue_m_l   M 
_diffrn_radiation.pdbx_wavelength_list             ? 
_diffrn_radiation.pdbx_wavelength                  ? 
_diffrn_radiation.pdbx_diffrn_protocol             'SINGLE WAVELENGTH' 
_diffrn_radiation.pdbx_analyzer                    ? 
_diffrn_radiation.pdbx_scattering_type             x-ray 
# 
_diffrn_radiation_wavelength.id           1 
_diffrn_radiation_wavelength.wavelength   1.000050 
_diffrn_radiation_wavelength.wt           1.0 
# 
_diffrn_source.current                     ? 
_diffrn_source.details                     ? 
_diffrn_source.diffrn_id                   1 
_diffrn_source.power                       ? 
_diffrn_source.size                        ? 
_diffrn_source.source                      SYNCHROTRON 
_diffrn_source.target                      ? 
_diffrn_source.type                        'ALS BEAMLINE 8.2.1' 
_diffrn_source.voltage                     ? 
_diffrn_source.take-off_angle              ? 
_diffrn_source.pdbx_wavelength_list        1.000050 
_diffrn_source.pdbx_wavelength             ? 
_diffrn_source.pdbx_synchrotron_beamline   8.2.1 
_diffrn_source.pdbx_synchrotron_site       ALS 
# 
_reflns.B_iso_Wilson_estimate                          ? 
_reflns.entry_id                                       9CSP 
_reflns.data_reduction_details                         ? 
_reflns.data_reduction_method                          ? 
_reflns.d_resolution_high                              1.60 
_reflns.d_resolution_low                               50 
_reflns.details                                        ? 
_reflns.limit_h_max                                    ? 
_reflns.limit_h_min                                    ? 
_reflns.limit_k_max                                    ? 
_reflns.limit_k_min                                    ? 
_reflns.limit_l_max                                    ? 
_reflns.limit_l_min                                    ? 
_reflns.number_all                                     ? 
_reflns.number_obs                                     5469 
_reflns.observed_criterion                             ? 
_reflns.observed_criterion_F_max                       ? 
_reflns.observed_criterion_F_min                       ? 
_reflns.observed_criterion_I_max                       ? 
_reflns.observed_criterion_I_min                       ? 
_reflns.observed_criterion_sigma_F                     ? 
_reflns.observed_criterion_sigma_I                     ? 
_reflns.percent_possible_obs                           97.5 
_reflns.R_free_details                                 ? 
_reflns.Rmerge_F_all                                   ? 
_reflns.Rmerge_F_obs                                   ? 
_reflns.Friedel_coverage                               ? 
_reflns.number_gt                                      ? 
_reflns.threshold_expression                           ? 
_reflns.pdbx_redundancy                                7.7 
_reflns.pdbx_netI_over_av_sigmaI                       ? 
_reflns.pdbx_netI_over_sigmaI                          14.8 
_reflns.pdbx_res_netI_over_av_sigmaI_2                 ? 
_reflns.pdbx_res_netI_over_sigmaI_2                    ? 
_reflns.pdbx_chi_squared                               0.955 
_reflns.pdbx_scaling_rejects                           ? 
_reflns.pdbx_d_res_high_opt                            ? 
_reflns.pdbx_d_res_low_opt                             ? 
_reflns.pdbx_d_res_opt_method                          ? 
_reflns.phase_calculation_details                      ? 
_reflns.pdbx_Rrim_I_all                                0.115 
_reflns.pdbx_Rpim_I_all                                0.044 
_reflns.pdbx_d_opt                                     ? 
_reflns.pdbx_number_measured_all                       ? 
_reflns.pdbx_diffrn_id                                 1 
_reflns.pdbx_ordinal                                   1 
_reflns.pdbx_CC_half                                   0.937 
_reflns.pdbx_CC_star                                   0.983 
_reflns.pdbx_R_split                                   ? 
_reflns.pdbx_Rmerge_I_obs                              0.106 
_reflns.pdbx_Rmerge_I_all                              ? 
_reflns.pdbx_Rsym_value                                ? 
_reflns.pdbx_CC_split_method                           ? 
_reflns.pdbx_aniso_diffraction_limit_axis_1_ortho[1]   ? 
_reflns.pdbx_aniso_diffraction_limit_axis_1_ortho[2]   ? 
_reflns.pdbx_aniso_diffraction_limit_axis_1_ortho[3]   ? 
_reflns.pdbx_aniso_diffraction_limit_axis_2_ortho[1]   ? 
_reflns.pdbx_aniso_diffraction_limit_axis_2_ortho[2]   ? 
_reflns.pdbx_aniso_diffraction_limit_axis_2_ortho[3]   ? 
_reflns.pdbx_aniso_diffraction_limit_axis_3_ortho[1]   ? 
_reflns.pdbx_aniso_diffraction_limit_axis_3_ortho[2]   ? 
_reflns.pdbx_aniso_diffraction_limit_axis_3_ortho[3]   ? 
_reflns.pdbx_aniso_diffraction_limit_1                 ? 
_reflns.pdbx_aniso_diffraction_limit_2                 ? 
_reflns.pdbx_aniso_diffraction_limit_3                 ? 
_reflns.pdbx_aniso_B_tensor_eigenvector_1_ortho[1]     ? 
_reflns.pdbx_aniso_B_tensor_eigenvector_1_ortho[2]     ? 
_reflns.pdbx_aniso_B_tensor_eigenvector_1_ortho[3]     ? 
_reflns.pdbx_aniso_B_tensor_eigenvector_2_ortho[1]     ? 
_reflns.pdbx_aniso_B_tensor_eigenvector_2_ortho[2]     ? 
_reflns.pdbx_aniso_B_tensor_eigenvector_2_ortho[3]     ? 
_reflns.pdbx_aniso_B_tensor_eigenvector_3_ortho[1]     ? 
_reflns.pdbx_aniso_B_tensor_eigenvector_3_ortho[2]     ? 
_reflns.pdbx_aniso_B_tensor_eigenvector_3_ortho[3]     ? 
_reflns.pdbx_aniso_B_tensor_eigenvalue_1               ? 
_reflns.pdbx_aniso_B_tensor_eigenvalue_2               ? 
_reflns.pdbx_aniso_B_tensor_eigenvalue_3               ? 
_reflns.pdbx_orthogonalization_convention              ? 
_reflns.pdbx_percent_possible_ellipsoidal              ? 
_reflns.pdbx_percent_possible_spherical                ? 
_reflns.pdbx_percent_possible_ellipsoidal_anomalous    ? 
_reflns.pdbx_percent_possible_spherical_anomalous      ? 
_reflns.pdbx_redundancy_anomalous                      ? 
_reflns.pdbx_CC_half_anomalous                         ? 
_reflns.pdbx_absDiff_over_sigma_anomalous              ? 
_reflns.pdbx_percent_possible_anomalous                ? 
_reflns.pdbx_observed_signal_threshold                 ? 
_reflns.pdbx_signal_type                               ? 
_reflns.pdbx_signal_details                            ? 
_reflns.pdbx_signal_software_id                        ? 
# 
_reflns_shell.d_res_high                                    1.60 
_reflns_shell.d_res_low                                     1.63 
_reflns_shell.meanI_over_sigI_all                           ? 
_reflns_shell.meanI_over_sigI_obs                           2.7 
_reflns_shell.number_measured_all                           ? 
_reflns_shell.number_measured_obs                           ? 
_reflns_shell.number_possible                               ? 
_reflns_shell.number_unique_all                             ? 
_reflns_shell.number_unique_obs                             228 
_reflns_shell.percent_possible_obs                          ? 
_reflns_shell.Rmerge_F_all                                  ? 
_reflns_shell.Rmerge_F_obs                                  ? 
_reflns_shell.meanI_over_sigI_gt                            ? 
_reflns_shell.meanI_over_uI_all                             ? 
_reflns_shell.meanI_over_uI_gt                              ? 
_reflns_shell.number_measured_gt                            ? 
_reflns_shell.number_unique_gt                              ? 
_reflns_shell.percent_possible_gt                           ? 
_reflns_shell.Rmerge_F_gt                                   ? 
_reflns_shell.Rmerge_I_gt                                   ? 
_reflns_shell.pdbx_redundancy                               3.3 
_reflns_shell.pdbx_chi_squared                              0.807 
_reflns_shell.pdbx_netI_over_sigmaI_all                     ? 
_reflns_shell.pdbx_netI_over_sigmaI_obs                     ? 
_reflns_shell.pdbx_Rrim_I_all                               0.293 
_reflns_shell.pdbx_Rpim_I_all                               0.141 
_reflns_shell.pdbx_rejects                                  ? 
_reflns_shell.pdbx_ordinal                                  1 
_reflns_shell.pdbx_diffrn_id                                1 
_reflns_shell.pdbx_CC_half                                  0.967 
_reflns_shell.pdbx_CC_star                                  0.992 
_reflns_shell.pdbx_R_split                                  ? 
_reflns_shell.percent_possible_all                          82.9 
_reflns_shell.Rmerge_I_all                                  ? 
_reflns_shell.Rmerge_I_obs                                  0.254 
_reflns_shell.pdbx_Rsym_value                               ? 
_reflns_shell.pdbx_percent_possible_ellipsoidal             ? 
_reflns_shell.pdbx_percent_possible_spherical               ? 
_reflns_shell.pdbx_percent_possible_ellipsoidal_anomalous   ? 
_reflns_shell.pdbx_percent_possible_spherical_anomalous     ? 
_reflns_shell.pdbx_redundancy_anomalous                     ? 
_reflns_shell.pdbx_CC_half_anomalous                        ? 
_reflns_shell.pdbx_absDiff_over_sigma_anomalous             ? 
_reflns_shell.pdbx_percent_possible_anomalous               ? 
# 
_refine.aniso_B[1][1]                            0.001 
_refine.aniso_B[1][2]                            0.000 
_refine.aniso_B[1][3]                            -0.000 
_refine.aniso_B[2][2]                            0.001 
_refine.aniso_B[2][3]                            -0.000 
_refine.aniso_B[3][3]                            -0.002 
_refine.B_iso_max                                ? 
_refine.B_iso_mean                               13.518 
_refine.B_iso_min                                ? 
_refine.correlation_coeff_Fo_to_Fc               0.965 
_refine.correlation_coeff_Fo_to_Fc_free          0.919 
_refine.details                                  'Hydrogens have been added in their riding positions' 
_refine.diff_density_max                         ? 
_refine.diff_density_max_esd                     ? 
_refine.diff_density_min                         ? 
_refine.diff_density_min_esd                     ? 
_refine.diff_density_rms                         ? 
_refine.diff_density_rms_esd                     ? 
_refine.entry_id                                 9CSP 
_refine.pdbx_refine_id                           'X-RAY DIFFRACTION' 
_refine.ls_abs_structure_details                 ? 
_refine.ls_abs_structure_Flack                   ? 
_refine.ls_abs_structure_Flack_esd               ? 
_refine.ls_abs_structure_Rogers                  ? 
_refine.ls_abs_structure_Rogers_esd              ? 
_refine.ls_d_res_high                            1.600 
_refine.ls_d_res_low                             34.291 
_refine.ls_extinction_coef                       ? 
_refine.ls_extinction_coef_esd                   ? 
_refine.ls_extinction_expression                 ? 
_refine.ls_extinction_method                     ? 
_refine.ls_goodness_of_fit_all                   ? 
_refine.ls_goodness_of_fit_all_esd               ? 
_refine.ls_goodness_of_fit_obs                   ? 
_refine.ls_goodness_of_fit_obs_esd               ? 
_refine.ls_hydrogen_treatment                    ? 
_refine.ls_matrix_type                           ? 
_refine.ls_number_constraints                    ? 
_refine.ls_number_parameters                     ? 
_refine.ls_number_reflns_all                     ? 
_refine.ls_number_reflns_obs                     5162 
_refine.ls_number_reflns_R_free                  253 
_refine.ls_number_reflns_R_work                  4909 
_refine.ls_number_restraints                     ? 
_refine.ls_percent_reflns_obs                    91.785 
_refine.ls_percent_reflns_R_free                 4.901 
_refine.ls_R_factor_all                          0.179 
_refine.ls_R_factor_obs                          ? 
_refine.ls_R_factor_R_free                       0.2641 
_refine.ls_R_factor_R_free_error                 ? 
_refine.ls_R_factor_R_free_error_details         ? 
_refine.ls_R_factor_R_work                       0.1756 
_refine.ls_R_Fsqd_factor_obs                     ? 
_refine.ls_R_I_factor_obs                        ? 
_refine.ls_redundancy_reflns_all                 ? 
_refine.ls_redundancy_reflns_obs                 ? 
_refine.ls_restrained_S_all                      ? 
_refine.ls_restrained_S_obs                      ? 
_refine.ls_shift_over_esd_max                    ? 
_refine.ls_shift_over_esd_mean                   ? 
_refine.ls_structure_factor_coef                 ? 
_refine.ls_weighting_details                     ? 
_refine.ls_weighting_scheme                      ? 
_refine.ls_wR_factor_all                         ? 
_refine.ls_wR_factor_obs                         ? 
_refine.ls_wR_factor_R_free                      ? 
_refine.ls_wR_factor_R_work                      ? 
_refine.occupancy_max                            ? 
_refine.occupancy_min                            ? 
_refine.solvent_model_details                    'MASK BULK SOLVENT' 
_refine.solvent_model_param_bsol                 ? 
_refine.solvent_model_param_ksol                 ? 
_refine.pdbx_R_complete                          ? 
_refine.ls_R_factor_gt                           ? 
_refine.ls_goodness_of_fit_gt                    ? 
_refine.ls_goodness_of_fit_ref                   ? 
_refine.ls_shift_over_su_max                     ? 
_refine.ls_shift_over_su_max_lt                  ? 
_refine.ls_shift_over_su_mean                    ? 
_refine.ls_shift_over_su_mean_lt                 ? 
_refine.pdbx_ls_sigma_I                          ? 
_refine.pdbx_ls_sigma_F                          ? 
_refine.pdbx_ls_sigma_Fsqd                       ? 
_refine.pdbx_data_cutoff_high_absF               ? 
_refine.pdbx_data_cutoff_high_rms_absF           ? 
_refine.pdbx_data_cutoff_low_absF                ? 
_refine.pdbx_isotropic_thermal_model             ? 
_refine.pdbx_ls_cross_valid_method               THROUGHOUT 
_refine.pdbx_method_to_determine_struct          'MOLECULAR REPLACEMENT' 
_refine.pdbx_starting_model                      ? 
_refine.pdbx_stereochemistry_target_values       ? 
_refine.pdbx_R_Free_selection_details            ? 
_refine.pdbx_stereochem_target_val_spec_case     ? 
_refine.pdbx_overall_ESU_R                       0.110 
_refine.pdbx_overall_ESU_R_Free                  0.133 
_refine.pdbx_solvent_vdw_probe_radii             1.200 
_refine.pdbx_solvent_ion_probe_radii             0.800 
_refine.pdbx_solvent_shrinkage_radii             0.800 
_refine.pdbx_real_space_R                        ? 
_refine.pdbx_density_correlation                 ? 
_refine.pdbx_pd_number_of_powder_patterns        ? 
_refine.pdbx_pd_number_of_points                 ? 
_refine.pdbx_pd_meas_number_of_points            ? 
_refine.pdbx_pd_proc_ls_prof_R_factor            ? 
_refine.pdbx_pd_proc_ls_prof_wR_factor           ? 
_refine.pdbx_pd_Marquardt_correlation_coeff      ? 
_refine.pdbx_pd_Fsqrd_R_factor                   ? 
_refine.pdbx_pd_ls_matrix_band_width             ? 
_refine.pdbx_overall_phase_error                 ? 
_refine.pdbx_overall_SU_R_free_Cruickshank_DPI   ? 
_refine.pdbx_overall_SU_R_free_Blow_DPI          ? 
_refine.pdbx_overall_SU_R_Blow_DPI               ? 
_refine.pdbx_TLS_residual_ADP_flag               ? 
_refine.pdbx_diffrn_id                           1 
_refine.overall_SU_B                             2.274 
_refine.overall_SU_ML                            0.075 
_refine.overall_SU_R_Cruickshank_DPI             ? 
_refine.overall_SU_R_free                        ? 
_refine.overall_FOM_free_R_set                   ? 
_refine.overall_FOM_work_R_set                   ? 
_refine.pdbx_average_fsc_overall                 ? 
_refine.pdbx_average_fsc_work                    ? 
_refine.pdbx_average_fsc_free                    ? 
# 
_refine_hist.pdbx_refine_id                   'X-RAY DIFFRACTION' 
_refine_hist.cycle_id                         LAST 
_refine_hist.details                          ? 
_refine_hist.d_res_high                       1.600 
_refine_hist.d_res_low                        34.291 
_refine_hist.number_atoms_solvent             103 
_refine_hist.number_atoms_total               441 
_refine_hist.number_reflns_all                ? 
_refine_hist.number_reflns_obs                ? 
_refine_hist.number_reflns_R_free             ? 
_refine_hist.number_reflns_R_work             ? 
_refine_hist.R_factor_all                     ? 
_refine_hist.R_factor_obs                     ? 
_refine_hist.R_factor_R_free                  ? 
_refine_hist.R_factor_R_work                  ? 
_refine_hist.pdbx_number_residues_total       ? 
_refine_hist.pdbx_B_iso_mean_ligand           ? 
_refine_hist.pdbx_B_iso_mean_solvent          ? 
_refine_hist.pdbx_number_atoms_protein        0 
_refine_hist.pdbx_number_atoms_nucleic_acid   336 
_refine_hist.pdbx_number_atoms_ligand         2 
_refine_hist.pdbx_number_atoms_lipid          ? 
_refine_hist.pdbx_number_atoms_carb           ? 
_refine_hist.pdbx_pseudo_atom_details         ? 
# 
loop_
_refine_ls_restr.pdbx_refine_id 
_refine_ls_restr.criterion 
_refine_ls_restr.dev_ideal 
_refine_ls_restr.dev_ideal_target 
_refine_ls_restr.number 
_refine_ls_restr.rejects 
_refine_ls_restr.type 
_refine_ls_restr.weight 
_refine_ls_restr.pdbx_restraint_function 
'X-RAY DIFFRACTION' ? 0.011 0.011  375 ? r_bond_refined_d               ? ? 
'X-RAY DIFFRACTION' ? 0.002 0.019  155 ? r_bond_other_d                 ? ? 
'X-RAY DIFFRACTION' ? 2.261 1.897  582 ? r_angle_refined_deg            ? ? 
'X-RAY DIFFRACTION' ? 0.742 1.736  379 ? r_angle_other_deg              ? ? 
'X-RAY DIFFRACTION' ? 0.217 5.000  10  ? r_dihedral_angle_other_2_deg   ? ? 
'X-RAY DIFFRACTION' ? 0.091 0.200  79  ? r_chiral_restr                 ? ? 
'X-RAY DIFFRACTION' ? 0.022 0.020  183 ? r_gen_planes_refined           ? ? 
'X-RAY DIFFRACTION' ? 0.001 0.020  59  ? r_gen_planes_other             ? ? 
'X-RAY DIFFRACTION' ? 0.093 0.200  47  ? r_nbd_refined                  ? ? 
'X-RAY DIFFRACTION' ? 0.200 0.200  186 ? r_symmetry_nbd_other           ? ? 
'X-RAY DIFFRACTION' ? 0.242 0.200  147 ? r_nbtor_refined                ? ? 
'X-RAY DIFFRACTION' ? 0.082 0.200  96  ? r_symmetry_nbtor_other         ? ? 
'X-RAY DIFFRACTION' ? 0.264 0.200  79  ? r_xyhbond_nbd_refined          ? ? 
'X-RAY DIFFRACTION' ? 0.078 0.200  18  ? r_symmetry_nbd_refined         ? ? 
'X-RAY DIFFRACTION' ? 0.155 0.200  72  ? r_nbd_other                    ? ? 
'X-RAY DIFFRACTION' ? 0.219 0.200  49  ? r_symmetry_xyhbond_nbd_refined ? ? 
'X-RAY DIFFRACTION' ? 1.372 1.521  375 ? r_scbond_it                    ? ? 
'X-RAY DIFFRACTION' ? 1.371 1.520  376 ? r_scbond_other                 ? ? 
'X-RAY DIFFRACTION' ? 1.956 2.775  582 ? r_scangle_it                   ? ? 
'X-RAY DIFFRACTION' ? 1.954 2.773  583 ? r_scangle_other                ? ? 
'X-RAY DIFFRACTION' ? 7.856 28.932 593 ? r_lrange_it                    ? ? 
'X-RAY DIFFRACTION' ? 7.351 21.015 553 ? r_lrange_other                 ? ? 
# 
loop_
_refine_ls_shell.pdbx_refine_id 
_refine_ls_shell.d_res_high 
_refine_ls_shell.d_res_low 
_refine_ls_shell.number_reflns_all 
_refine_ls_shell.number_reflns_obs 
_refine_ls_shell.number_reflns_R_free 
_refine_ls_shell.number_reflns_R_work 
_refine_ls_shell.percent_reflns_obs 
_refine_ls_shell.percent_reflns_R_free 
_refine_ls_shell.R_factor_all 
_refine_ls_shell.R_factor_obs 
_refine_ls_shell.R_factor_R_free_error 
_refine_ls_shell.R_factor_R_work 
_refine_ls_shell.redundancy_reflns_all 
_refine_ls_shell.redundancy_reflns_obs 
_refine_ls_shell.wR_factor_all 
_refine_ls_shell.wR_factor_obs 
_refine_ls_shell.wR_factor_R_free 
_refine_ls_shell.wR_factor_R_work 
_refine_ls_shell.pdbx_R_complete 
_refine_ls_shell.pdbx_total_number_of_bins_used 
_refine_ls_shell.pdbx_phase_error 
_refine_ls_shell.pdbx_fsc_work 
_refine_ls_shell.pdbx_fsc_free 
_refine_ls_shell.R_factor_R_free 
'X-RAY DIFFRACTION' 1.600 1.642  . . 17 149 40.7862  . . . . 0.189 . . . . . . . . . . . 0.311 
'X-RAY DIFFRACTION' 1.642 1.687  . . 11 253 69.1099  . . . . .     . . . . . . . . . . . 0.197 
'X-RAY DIFFRACTION' 1.687 1.736  . . 24 357 96.4557  . . . . .     . . . . . . . . . . . 0.226 
'X-RAY DIFFRACTION' 1.736 1.789  . . 19 368 100.0000 . . . . 0.216 . . . . . . . . . . . 0.442 
'X-RAY DIFFRACTION' 1.789 1.847  . . 23 317 100.0000 . . . . 0.212 . . . . . . . . . . . 0.320 
'X-RAY DIFFRACTION' 1.847 1.912  . . 14 341 100.0000 . . . . 0.237 . . . . . . . . . . . 0.312 
'X-RAY DIFFRACTION' 1.912 1.984  . . 16 339 100.0000 . . . . 0.214 . . . . . . . . . . . 0.263 
'X-RAY DIFFRACTION' 1.984 2.065  . . 16 308 100.0000 . . . . 0.189 . . . . . . . . . . . 0.275 
'X-RAY DIFFRACTION' 2.065 2.156  . . 11 302 100.0000 . . . . 0.175 . . . . . . . . . . . 0.255 
'X-RAY DIFFRACTION' 2.156 2.261  . . 17 288 99.6732  . . . . 0.191 . . . . . . . . . . . 0.315 
'X-RAY DIFFRACTION' 2.261 2.383  . . 12 276 99.3103  . . . . 0.202 . . . . . . . . . . . 0.262 
'X-RAY DIFFRACTION' 2.383 2.526  . . 14 254 99.2593  . . . . 0.180 . . . . . . . . . . . 0.435 
'X-RAY DIFFRACTION' 2.526 2.700  . . 8  244 98.8235  . . . . 0.198 . . . . . . . . . . . 0.413 
'X-RAY DIFFRACTION' 2.700 2.915  . . 8  230 97.5410  . . . . 0.179 . . . . . . . . . . . 0.218 
'X-RAY DIFFRACTION' 2.915 3.190  . . 6  198 89.0830  . . . . 0.135 . . . . . . . . . . . 0.133 
'X-RAY DIFFRACTION' 3.190 3.563  . . 10 174 90.1961  . . . . 0.123 . . . . . . . . . . . 0.155 
'X-RAY DIFFRACTION' 3.563 4.107  . . 8  164 91.9786  . . . . 0.113 . . . . . . . . . . . 0.151 
'X-RAY DIFFRACTION' 4.107 5.012  . . 8  144 93.2515  . . . . 0.109 . . . . . . . . . . . 0.142 
'X-RAY DIFFRACTION' 5.012 7.014  . . 9  121 99.2366  . . . . 0.141 . . . . . . . . . . . 0.354 
'X-RAY DIFFRACTION' 7.014 34.291 . . 2  81  98.8095  . . . . 0.189 . . . . . . . . . . . 0.897 
# 
_struct.entry_id                     9CSP 
_struct.title                        '16mer self-complementary duplex RNA with s(2)C:G pair sequence 2' 
_struct.pdbx_model_details           ? 
_struct.pdbx_formula_weight          ? 
_struct.pdbx_formula_weight_method   ? 
_struct.pdbx_model_type_details      ? 
_struct.pdbx_CASP_flag               N 
# 
_struct_keywords.entry_id        9CSP 
_struct_keywords.text            '2-Thiocytidine, Nucleobase Modification, Non-canonical Base Pair, RNA, Origin of Life' 
_struct_keywords.pdbx_keywords   RNA 
# 
loop_
_struct_asym.id 
_struct_asym.pdbx_blank_PDB_chainid_flag 
_struct_asym.pdbx_modified 
_struct_asym.entity_id 
_struct_asym.details 
A N N 1 ? 
B N N 2 ? 
C N N 2 ? 
D N N 3 ? 
# 
_struct_ref.id                         1 
_struct_ref.db_name                    PDB 
_struct_ref.db_code                    9CSP 
_struct_ref.pdbx_db_accession          9CSP 
_struct_ref.pdbx_db_isoform            ? 
_struct_ref.entity_id                  1 
_struct_ref.pdbx_seq_one_letter_code   ? 
_struct_ref.pdbx_align_begin           1 
# 
_struct_ref_seq.align_id                      1 
_struct_ref_seq.ref_id                        1 
_struct_ref_seq.pdbx_PDB_id_code              9CSP 
_struct_ref_seq.pdbx_strand_id                A 
_struct_ref_seq.seq_align_beg                 1 
_struct_ref_seq.pdbx_seq_align_beg_ins_code   ? 
_struct_ref_seq.seq_align_end                 16 
_struct_ref_seq.pdbx_seq_align_end_ins_code   ? 
_struct_ref_seq.pdbx_db_accession             9CSP 
_struct_ref_seq.db_align_beg                  1 
_struct_ref_seq.pdbx_db_align_beg_ins_code    ? 
_struct_ref_seq.db_align_end                  16 
_struct_ref_seq.pdbx_db_align_end_ins_code    ? 
_struct_ref_seq.pdbx_auth_seq_align_beg       1 
_struct_ref_seq.pdbx_auth_seq_align_end       16 
# 
_pdbx_struct_assembly.id                   1 
_pdbx_struct_assembly.details              author_and_software_defined_assembly 
_pdbx_struct_assembly.method_details       PISA 
_pdbx_struct_assembly.oligomeric_details   dimeric 
_pdbx_struct_assembly.oligomeric_count     2 
# 
loop_
_pdbx_struct_assembly_prop.biol_id 
_pdbx_struct_assembly_prop.type 
_pdbx_struct_assembly_prop.value 
_pdbx_struct_assembly_prop.details 
1 'ABSA (A^2)' 1690 ? 
1 MORE         -18  ? 
1 'SSA (A^2)'  5950 ? 
# 
_pdbx_struct_assembly_gen.assembly_id       1 
_pdbx_struct_assembly_gen.oper_expression   1,2 
_pdbx_struct_assembly_gen.asym_id_list      A,B,C,D 
# 
loop_
_pdbx_struct_oper_list.id 
_pdbx_struct_oper_list.type 
_pdbx_struct_oper_list.name 
_pdbx_struct_oper_list.symmetry_operation 
_pdbx_struct_oper_list.matrix[1][1] 
_pdbx_struct_oper_list.matrix[1][2] 
_pdbx_struct_oper_list.matrix[1][3] 
_pdbx_struct_oper_list.vector[1] 
_pdbx_struct_oper_list.matrix[2][1] 
_pdbx_struct_oper_list.matrix[2][2] 
_pdbx_struct_oper_list.matrix[2][3] 
_pdbx_struct_oper_list.vector[2] 
_pdbx_struct_oper_list.matrix[3][1] 
_pdbx_struct_oper_list.matrix[3][2] 
_pdbx_struct_oper_list.matrix[3][3] 
_pdbx_struct_oper_list.vector[3] 
1 'identity operation'         1_555 x,y,z  1.0000000000  0.0000000000 0.0000000000 0.0000000000  0.0000000000 1.0000000000  0.0000000000 0.0000000000 0.0000000000 0.0000000000 1.0000000000 0.0000000000 
2 'crystal symmetry operation' 4_555 y,x,-z -0.9774589706 0.0006891369 0.2111243374 -0.2804995731 0.0006891369 -0.9999789313 0.0064546103 3.9663217414 0.2111243374 0.0064546103 0.9774379020 0.0170014067 
# 
loop_
_struct_conn.id 
_struct_conn.conn_type_id 
_struct_conn.pdbx_leaving_atom_flag 
_struct_conn.pdbx_PDB_id 
_struct_conn.ptnr1_label_asym_id 
_struct_conn.ptnr1_label_comp_id 
_struct_conn.ptnr1_label_seq_id 
_struct_conn.ptnr1_label_atom_id 
_struct_conn.pdbx_ptnr1_label_alt_id 
_struct_conn.pdbx_ptnr1_PDB_ins_code 
_struct_conn.pdbx_ptnr1_standard_comp_id 
_struct_conn.ptnr1_symmetry 
_struct_conn.ptnr2_label_asym_id 
_struct_conn.ptnr2_label_comp_id 
_struct_conn.ptnr2_label_seq_id 
_struct_conn.ptnr2_label_atom_id 
_struct_conn.pdbx_ptnr2_label_alt_id 
_struct_conn.pdbx_ptnr2_PDB_ins_code 
_struct_conn.ptnr1_auth_asym_id 
_struct_conn.ptnr1_auth_comp_id 
_struct_conn.ptnr1_auth_seq_id 
_struct_conn.ptnr2_auth_asym_id 
_struct_conn.ptnr2_auth_comp_id 
_struct_conn.ptnr2_auth_seq_id 
_struct_conn.ptnr2_symmetry 
_struct_conn.pdbx_ptnr3_label_atom_id 
_struct_conn.pdbx_ptnr3_label_seq_id 
_struct_conn.pdbx_ptnr3_label_comp_id 
_struct_conn.pdbx_ptnr3_label_asym_id 
_struct_conn.pdbx_ptnr3_label_alt_id 
_struct_conn.pdbx_ptnr3_PDB_ins_code 
_struct_conn.details 
_struct_conn.pdbx_dist_value 
_struct_conn.pdbx_value_order 
_struct_conn.pdbx_role 
covale1  covale both ? A U   9  "O3'" ? ? ? 1_555 A RSP 10 P  ? ? A U   9   A RSP 10  1_555 ? ? ? ? ? ? ?               1.596 ? ? 
covale2  covale both ? A RSP 10 "O3'" ? ? ? 1_555 A U   11 P  ? ? A RSP 10  A U   11  1_555 ? ? ? ? ? ? ?               1.601 ? ? 
metalc1  metalc ?    ? B MG  .  MG    ? ? ? 1_555 D HOH .  O  ? ? A MG  101 A HOH 209 1_555 ? ? ? ? ? ? ?               2.291 ? ? 
metalc2  metalc ?    ? B MG  .  MG    ? ? ? 1_555 D HOH .  O  ? ? A MG  101 A HOH 255 1_555 ? ? ? ? ? ? ?               2.509 ? ? 
metalc3  metalc ?    ? B MG  .  MG    ? ? ? 1_555 D HOH .  O  ? ? A MG  101 A HOH 303 1_555 ? ? ? ? ? ? ?               2.711 ? ? 
metalc4  metalc ?    ? C MG  .  MG    ? ? ? 1_555 D HOH .  O  ? ? A MG  102 A HOH 224 1_555 ? ? ? ? ? ? ?               2.551 ? ? 
metalc5  metalc ?    ? C MG  .  MG    ? ? ? 1_555 D HOH .  O  ? ? A MG  102 A HOH 235 1_555 ? ? ? ? ? ? ?               2.153 ? ? 
metalc6  metalc ?    ? C MG  .  MG    ? ? ? 1_555 D HOH .  O  ? ? A MG  102 A HOH 291 1_555 ? ? ? ? ? ? ?               2.858 ? ? 
metalc7  metalc ?    ? C MG  .  MG    ? ? ? 1_555 D HOH .  O  ? ? A MG  102 A HOH 296 4_555 ? ? ? ? ? ? ?               2.783 ? ? 
hydrog1  hydrog ?    ? A A   1  N1    ? ? ? 1_555 A U   16 N3 ? ? A A   1   A U   16  4_555 ? ? ? ? ? ? WATSON-CRICK    ?     ? ? 
hydrog2  hydrog ?    ? A A   1  N6    ? ? ? 1_555 A U   16 O4 ? ? A A   1   A U   16  4_555 ? ? ? ? ? ? WATSON-CRICK    ?     ? ? 
hydrog3  hydrog ?    ? A G   2  N1    ? ? ? 1_555 A C   15 N3 ? ? A G   2   A C   15  4_555 ? ? ? ? ? ? WATSON-CRICK    ?     ? ? 
hydrog4  hydrog ?    ? A G   2  N2    ? ? ? 1_555 A C   15 O2 ? ? A G   2   A C   15  4_555 ? ? ? ? ? ? WATSON-CRICK    ?     ? ? 
hydrog5  hydrog ?    ? A G   2  O6    ? ? ? 1_555 A C   15 N4 ? ? A G   2   A C   15  4_555 ? ? ? ? ? ? WATSON-CRICK    ?     ? ? 
hydrog6  hydrog ?    ? A A   3  N1    ? ? ? 1_555 A U   14 N3 ? ? A A   3   A U   14  4_555 ? ? ? ? ? ? WATSON-CRICK    ?     ? ? 
hydrog7  hydrog ?    ? A A   3  N6    ? ? ? 1_555 A U   14 O4 ? ? A A   3   A U   14  4_555 ? ? ? ? ? ? WATSON-CRICK    ?     ? ? 
hydrog8  hydrog ?    ? A G   4  N1    ? ? ? 1_555 A C   13 N3 ? ? A G   4   A C   13  4_555 ? ? ? ? ? ? WATSON-CRICK    ?     ? ? 
hydrog9  hydrog ?    ? A G   4  N2    ? ? ? 1_555 A C   13 O2 ? ? A G   4   A C   13  4_555 ? ? ? ? ? ? WATSON-CRICK    ?     ? ? 
hydrog10 hydrog ?    ? A G   4  O6    ? ? ? 1_555 A C   13 N4 ? ? A G   4   A C   13  4_555 ? ? ? ? ? ? WATSON-CRICK    ?     ? ? 
hydrog11 hydrog ?    ? A A   5  N1    ? ? ? 1_555 A U   12 N3 ? ? A A   5   A U   12  4_555 ? ? ? ? ? ? WATSON-CRICK    ?     ? ? 
hydrog12 hydrog ?    ? A A   5  N6    ? ? ? 1_555 A U   12 O4 ? ? A A   5   A U   12  4_555 ? ? ? ? ? ? WATSON-CRICK    ?     ? ? 
hydrog13 hydrog ?    ? A A   6  N1    ? ? ? 1_555 A U   11 N3 ? ? A A   6   A U   11  4_555 ? ? ? ? ? ? WATSON-CRICK    ?     ? ? 
hydrog14 hydrog ?    ? A A   6  N6    ? ? ? 1_555 A U   11 O4 ? ? A A   6   A U   11  4_555 ? ? ? ? ? ? WATSON-CRICK    ?     ? ? 
hydrog15 hydrog ?    ? A G   7  O6    ? ? ? 1_555 A RSP 10 N4 ? ? A G   7   A RSP 10  4_555 ? ? ? ? ? ? 'G-RSP MISPAIR' ?     ? ? 
hydrog16 hydrog ?    ? A A   8  N1    ? ? ? 1_555 A U   9  N3 ? ? A A   8   A U   9   4_555 ? ? ? ? ? ? WATSON-CRICK    ?     ? ? 
hydrog17 hydrog ?    ? A A   8  N6    ? ? ? 1_555 A U   9  O4 ? ? A A   8   A U   9   4_555 ? ? ? ? ? ? WATSON-CRICK    ?     ? ? 
hydrog18 hydrog ?    ? A U   9  N3    ? ? ? 1_555 A A   8  N1 ? ? A U   9   A A   8   4_555 ? ? ? ? ? ? WATSON-CRICK    ?     ? ? 
hydrog19 hydrog ?    ? A U   9  O4    ? ? ? 1_555 A A   8  N6 ? ? A U   9   A A   8   4_555 ? ? ? ? ? ? WATSON-CRICK    ?     ? ? 
hydrog20 hydrog ?    ? A RSP 10 N4    ? ? ? 1_555 A G   7  O6 ? ? A RSP 10  A G   7   4_555 ? ? ? ? ? ? 'RSP-G MISPAIR' ?     ? ? 
hydrog21 hydrog ?    ? A U   11 N3    ? ? ? 1_555 A A   6  N1 ? ? A U   11  A A   6   4_555 ? ? ? ? ? ? WATSON-CRICK    ?     ? ? 
hydrog22 hydrog ?    ? A U   11 O4    ? ? ? 1_555 A A   6  N6 ? ? A U   11  A A   6   4_555 ? ? ? ? ? ? WATSON-CRICK    ?     ? ? 
hydrog23 hydrog ?    ? A U   12 N3    ? ? ? 1_555 A A   5  N1 ? ? A U   12  A A   5   4_555 ? ? ? ? ? ? WATSON-CRICK    ?     ? ? 
hydrog24 hydrog ?    ? A U   12 O4    ? ? ? 1_555 A A   5  N6 ? ? A U   12  A A   5   4_555 ? ? ? ? ? ? WATSON-CRICK    ?     ? ? 
hydrog25 hydrog ?    ? A C   13 N3    ? ? ? 1_555 A G   4  N1 ? ? A C   13  A G   4   4_555 ? ? ? ? ? ? WATSON-CRICK    ?     ? ? 
hydrog26 hydrog ?    ? A C   13 N4    ? ? ? 1_555 A G   4  O6 ? ? A C   13  A G   4   4_555 ? ? ? ? ? ? WATSON-CRICK    ?     ? ? 
hydrog27 hydrog ?    ? A C   13 O2    ? ? ? 1_555 A G   4  N2 ? ? A C   13  A G   4   4_555 ? ? ? ? ? ? WATSON-CRICK    ?     ? ? 
hydrog28 hydrog ?    ? A U   14 N3    ? ? ? 1_555 A A   3  N1 ? ? A U   14  A A   3   4_555 ? ? ? ? ? ? WATSON-CRICK    ?     ? ? 
hydrog29 hydrog ?    ? A U   14 O4    ? ? ? 1_555 A A   3  N6 ? ? A U   14  A A   3   4_555 ? ? ? ? ? ? WATSON-CRICK    ?     ? ? 
hydrog30 hydrog ?    ? A C   15 N3    ? ? ? 1_555 A G   2  N1 ? ? A C   15  A G   2   4_555 ? ? ? ? ? ? WATSON-CRICK    ?     ? ? 
hydrog31 hydrog ?    ? A C   15 N4    ? ? ? 1_555 A G   2  O6 ? ? A C   15  A G   2   4_555 ? ? ? ? ? ? WATSON-CRICK    ?     ? ? 
hydrog32 hydrog ?    ? A C   15 O2    ? ? ? 1_555 A G   2  N2 ? ? A C   15  A G   2   4_555 ? ? ? ? ? ? WATSON-CRICK    ?     ? ? 
hydrog33 hydrog ?    ? A U   16 N3    ? ? ? 1_555 A A   1  N1 ? ? A U   16  A A   1   4_555 ? ? ? ? ? ? WATSON-CRICK    ?     ? ? 
hydrog34 hydrog ?    ? A U   16 O4    ? ? ? 1_555 A A   1  N6 ? ? A U   16  A A   1   4_555 ? ? ? ? ? ? WATSON-CRICK    ?     ? ? 
# 
loop_
_struct_conn_type.id 
_struct_conn_type.criteria 
_struct_conn_type.reference 
covale ? ? 
metalc ? ? 
hydrog ? ? 
# 
loop_
_pdbx_struct_conn_angle.id 
_pdbx_struct_conn_angle.ptnr1_label_atom_id 
_pdbx_struct_conn_angle.ptnr1_label_alt_id 
_pdbx_struct_conn_angle.ptnr1_label_asym_id 
_pdbx_struct_conn_angle.ptnr1_label_comp_id 
_pdbx_struct_conn_angle.ptnr1_label_seq_id 
_pdbx_struct_conn_angle.ptnr1_auth_atom_id 
_pdbx_struct_conn_angle.ptnr1_auth_asym_id 
_pdbx_struct_conn_angle.ptnr1_auth_comp_id 
_pdbx_struct_conn_angle.ptnr1_auth_seq_id 
_pdbx_struct_conn_angle.ptnr1_PDB_ins_code 
_pdbx_struct_conn_angle.ptnr1_symmetry 
_pdbx_struct_conn_angle.ptnr2_label_atom_id 
_pdbx_struct_conn_angle.ptnr2_label_alt_id 
_pdbx_struct_conn_angle.ptnr2_label_asym_id 
_pdbx_struct_conn_angle.ptnr2_label_comp_id 
_pdbx_struct_conn_angle.ptnr2_label_seq_id 
_pdbx_struct_conn_angle.ptnr2_auth_atom_id 
_pdbx_struct_conn_angle.ptnr2_auth_asym_id 
_pdbx_struct_conn_angle.ptnr2_auth_comp_id 
_pdbx_struct_conn_angle.ptnr2_auth_seq_id 
_pdbx_struct_conn_angle.ptnr2_PDB_ins_code 
_pdbx_struct_conn_angle.ptnr2_symmetry 
_pdbx_struct_conn_angle.ptnr3_label_atom_id 
_pdbx_struct_conn_angle.ptnr3_label_alt_id 
_pdbx_struct_conn_angle.ptnr3_label_asym_id 
_pdbx_struct_conn_angle.ptnr3_label_comp_id 
_pdbx_struct_conn_angle.ptnr3_label_seq_id 
_pdbx_struct_conn_angle.ptnr3_auth_atom_id 
_pdbx_struct_conn_angle.ptnr3_auth_asym_id 
_pdbx_struct_conn_angle.ptnr3_auth_comp_id 
_pdbx_struct_conn_angle.ptnr3_auth_seq_id 
_pdbx_struct_conn_angle.ptnr3_PDB_ins_code 
_pdbx_struct_conn_angle.ptnr3_symmetry 
_pdbx_struct_conn_angle.value 
_pdbx_struct_conn_angle.value_esd 
1 O ? D HOH . ? A HOH 209 ? 1_555 MG ? B MG . ? A MG 101 ? 1_555 O ? D HOH . ? A HOH 255 ? 1_555 89.2  ? 
2 O ? D HOH . ? A HOH 209 ? 1_555 MG ? B MG . ? A MG 101 ? 1_555 O ? D HOH . ? A HOH 303 ? 1_555 87.3  ? 
3 O ? D HOH . ? A HOH 255 ? 1_555 MG ? B MG . ? A MG 101 ? 1_555 O ? D HOH . ? A HOH 303 ? 1_555 153.0 ? 
4 O ? D HOH . ? A HOH 224 ? 1_555 MG ? C MG . ? A MG 102 ? 1_555 O ? D HOH . ? A HOH 235 ? 1_555 74.5  ? 
5 O ? D HOH . ? A HOH 224 ? 1_555 MG ? C MG . ? A MG 102 ? 1_555 O ? D HOH . ? A HOH 291 ? 1_555 57.1  ? 
6 O ? D HOH . ? A HOH 235 ? 1_555 MG ? C MG . ? A MG 102 ? 1_555 O ? D HOH . ? A HOH 291 ? 1_555 127.5 ? 
7 O ? D HOH . ? A HOH 224 ? 1_555 MG ? C MG . ? A MG 102 ? 1_555 O ? D HOH . ? A HOH 296 ? 4_555 49.5  ? 
8 O ? D HOH . ? A HOH 235 ? 1_555 MG ? C MG . ? A MG 102 ? 1_555 O ? D HOH . ? A HOH 296 ? 4_555 77.1  ? 
9 O ? D HOH . ? A HOH 291 ? 1_555 MG ? C MG . ? A MG 102 ? 1_555 O ? D HOH . ? A HOH 296 ? 4_555 85.4  ? 
# 
_pdbx_entry_details.entry_id                   9CSP 
_pdbx_entry_details.has_ligand_of_interest     Y 
_pdbx_entry_details.compound_details           ? 
_pdbx_entry_details.source_details             ? 
_pdbx_entry_details.nonpolymer_details         ? 
_pdbx_entry_details.sequence_details           ? 
_pdbx_entry_details.has_protein_modification   N 
# 
_pdbx_validate_close_contact.id               1 
_pdbx_validate_close_contact.PDB_model_num    1 
_pdbx_validate_close_contact.auth_atom_id_1   O 
_pdbx_validate_close_contact.auth_asym_id_1   A 
_pdbx_validate_close_contact.auth_comp_id_1   HOH 
_pdbx_validate_close_contact.auth_seq_id_1    202 
_pdbx_validate_close_contact.PDB_ins_code_1   ? 
_pdbx_validate_close_contact.label_alt_id_1   ? 
_pdbx_validate_close_contact.auth_atom_id_2   O 
_pdbx_validate_close_contact.auth_asym_id_2   A 
_pdbx_validate_close_contact.auth_comp_id_2   HOH 
_pdbx_validate_close_contact.auth_seq_id_2    237 
_pdbx_validate_close_contact.PDB_ins_code_2   ? 
_pdbx_validate_close_contact.label_alt_id_2   ? 
_pdbx_validate_close_contact.dist             2.02 
# 
loop_
_pdbx_validate_symm_contact.id 
_pdbx_validate_symm_contact.PDB_model_num 
_pdbx_validate_symm_contact.auth_atom_id_1 
_pdbx_validate_symm_contact.auth_asym_id_1 
_pdbx_validate_symm_contact.auth_comp_id_1 
_pdbx_validate_symm_contact.auth_seq_id_1 
_pdbx_validate_symm_contact.PDB_ins_code_1 
_pdbx_validate_symm_contact.label_alt_id_1 
_pdbx_validate_symm_contact.site_symmetry_1 
_pdbx_validate_symm_contact.auth_atom_id_2 
_pdbx_validate_symm_contact.auth_asym_id_2 
_pdbx_validate_symm_contact.auth_comp_id_2 
_pdbx_validate_symm_contact.auth_seq_id_2 
_pdbx_validate_symm_contact.PDB_ins_code_2 
_pdbx_validate_symm_contact.label_alt_id_2 
_pdbx_validate_symm_contact.site_symmetry_2 
_pdbx_validate_symm_contact.dist 
1 1 O A HOH 246 ? ? 1_555 O A HOH 261 ? ? 16_444 2.03 
2 1 O A HOH 284 ? ? 1_555 O A HOH 284 ? ? 12_555 2.08 
3 1 O A HOH 203 ? ? 1_555 O A HOH 215 ? ? 14_654 2.14 
# 
loop_
_pdbx_validate_rmsd_angle.id 
_pdbx_validate_rmsd_angle.PDB_model_num 
_pdbx_validate_rmsd_angle.auth_atom_id_1 
_pdbx_validate_rmsd_angle.auth_asym_id_1 
_pdbx_validate_rmsd_angle.auth_comp_id_1 
_pdbx_validate_rmsd_angle.auth_seq_id_1 
_pdbx_validate_rmsd_angle.PDB_ins_code_1 
_pdbx_validate_rmsd_angle.label_alt_id_1 
_pdbx_validate_rmsd_angle.auth_atom_id_2 
_pdbx_validate_rmsd_angle.auth_asym_id_2 
_pdbx_validate_rmsd_angle.auth_comp_id_2 
_pdbx_validate_rmsd_angle.auth_seq_id_2 
_pdbx_validate_rmsd_angle.PDB_ins_code_2 
_pdbx_validate_rmsd_angle.label_alt_id_2 
_pdbx_validate_rmsd_angle.auth_atom_id_3 
_pdbx_validate_rmsd_angle.auth_asym_id_3 
_pdbx_validate_rmsd_angle.auth_comp_id_3 
_pdbx_validate_rmsd_angle.auth_seq_id_3 
_pdbx_validate_rmsd_angle.PDB_ins_code_3 
_pdbx_validate_rmsd_angle.label_alt_id_3 
_pdbx_validate_rmsd_angle.angle_value 
_pdbx_validate_rmsd_angle.angle_target_value 
_pdbx_validate_rmsd_angle.angle_deviation 
_pdbx_validate_rmsd_angle.angle_standard_deviation 
_pdbx_validate_rmsd_angle.linker_flag 
1 1 "O3'" A A 5  ? ? P A A   6  ? ? OP2 A A   6  ? ? 117.41 110.50 6.91  1.10 Y 
2 1 "O5'" A G 7  ? ? P A G   7  ? ? OP2 A G   7  ? ? 97.65  105.70 -8.05 0.90 N 
3 1 "O3'" A A 8  ? ? P A U   9  ? ? OP2 A U   9  ? ? 119.11 110.50 8.61  1.10 Y 
4 1 "O3'" A U 9  ? ? P A RSP 10 ? ? OP2 A RSP 10 ? ? 118.06 110.50 7.56  1.10 Y 
5 1 "O5'" A C 13 ? ? P A C   13 ? ? OP2 A C   13 ? ? 96.78  105.70 -8.92 0.90 N 
# 
loop_
_pdbx_struct_special_symmetry.id 
_pdbx_struct_special_symmetry.PDB_model_num 
_pdbx_struct_special_symmetry.auth_asym_id 
_pdbx_struct_special_symmetry.auth_comp_id 
_pdbx_struct_special_symmetry.auth_seq_id 
_pdbx_struct_special_symmetry.PDB_ins_code 
_pdbx_struct_special_symmetry.label_asym_id 
_pdbx_struct_special_symmetry.label_comp_id 
_pdbx_struct_special_symmetry.label_seq_id 
1 1 A HOH 227 ? D HOH . 
2 1 A HOH 228 ? D HOH . 
3 1 A HOH 263 ? D HOH . 
4 1 A HOH 268 ? D HOH . 
5 1 A HOH 277 ? D HOH . 
6 1 A HOH 292 ? D HOH . 
7 1 A HOH 293 ? D HOH . 
# 
loop_
_chem_comp_atom.comp_id 
_chem_comp_atom.atom_id 
_chem_comp_atom.type_symbol 
_chem_comp_atom.pdbx_aromatic_flag 
_chem_comp_atom.pdbx_stereo_config 
_chem_comp_atom.pdbx_ordinal 
A   OP3    O  N N 1   
A   P      P  N N 2   
A   OP1    O  N N 3   
A   OP2    O  N N 4   
A   "O5'"  O  N N 5   
A   "C5'"  C  N N 6   
A   "C4'"  C  N R 7   
A   "O4'"  O  N N 8   
A   "C3'"  C  N S 9   
A   "O3'"  O  N N 10  
A   "C2'"  C  N R 11  
A   "O2'"  O  N N 12  
A   "C1'"  C  N R 13  
A   N9     N  Y N 14  
A   C8     C  Y N 15  
A   N7     N  Y N 16  
A   C5     C  Y N 17  
A   C6     C  Y N 18  
A   N6     N  N N 19  
A   N1     N  Y N 20  
A   C2     C  Y N 21  
A   N3     N  Y N 22  
A   C4     C  Y N 23  
A   HOP3   H  N N 24  
A   HOP2   H  N N 25  
A   "H5'"  H  N N 26  
A   "H5''" H  N N 27  
A   "H4'"  H  N N 28  
A   "H3'"  H  N N 29  
A   "HO3'" H  N N 30  
A   "H2'"  H  N N 31  
A   "HO2'" H  N N 32  
A   "H1'"  H  N N 33  
A   H8     H  N N 34  
A   H61    H  N N 35  
A   H62    H  N N 36  
A   H2     H  N N 37  
C   OP3    O  N N 38  
C   P      P  N N 39  
C   OP1    O  N N 40  
C   OP2    O  N N 41  
C   "O5'"  O  N N 42  
C   "C5'"  C  N N 43  
C   "C4'"  C  N R 44  
C   "O4'"  O  N N 45  
C   "C3'"  C  N S 46  
C   "O3'"  O  N N 47  
C   "C2'"  C  N R 48  
C   "O2'"  O  N N 49  
C   "C1'"  C  N R 50  
C   N1     N  N N 51  
C   C2     C  N N 52  
C   O2     O  N N 53  
C   N3     N  N N 54  
C   C4     C  N N 55  
C   N4     N  N N 56  
C   C5     C  N N 57  
C   C6     C  N N 58  
C   HOP3   H  N N 59  
C   HOP2   H  N N 60  
C   "H5'"  H  N N 61  
C   "H5''" H  N N 62  
C   "H4'"  H  N N 63  
C   "H3'"  H  N N 64  
C   "HO3'" H  N N 65  
C   "H2'"  H  N N 66  
C   "HO2'" H  N N 67  
C   "H1'"  H  N N 68  
C   H41    H  N N 69  
C   H42    H  N N 70  
C   H5     H  N N 71  
C   H6     H  N N 72  
G   OP3    O  N N 73  
G   P      P  N N 74  
G   OP1    O  N N 75  
G   OP2    O  N N 76  
G   "O5'"  O  N N 77  
G   "C5'"  C  N N 78  
G   "C4'"  C  N R 79  
G   "O4'"  O  N N 80  
G   "C3'"  C  N S 81  
G   "O3'"  O  N N 82  
G   "C2'"  C  N R 83  
G   "O2'"  O  N N 84  
G   "C1'"  C  N R 85  
G   N9     N  Y N 86  
G   C8     C  Y N 87  
G   N7     N  Y N 88  
G   C5     C  Y N 89  
G   C6     C  N N 90  
G   O6     O  N N 91  
G   N1     N  N N 92  
G   C2     C  N N 93  
G   N2     N  N N 94  
G   N3     N  N N 95  
G   C4     C  Y N 96  
G   HOP3   H  N N 97  
G   HOP2   H  N N 98  
G   "H5'"  H  N N 99  
G   "H5''" H  N N 100 
G   "H4'"  H  N N 101 
G   "H3'"  H  N N 102 
G   "HO3'" H  N N 103 
G   "H2'"  H  N N 104 
G   "HO2'" H  N N 105 
G   "H1'"  H  N N 106 
G   H8     H  N N 107 
G   H1     H  N N 108 
G   H21    H  N N 109 
G   H22    H  N N 110 
HOH O      O  N N 111 
HOH H1     H  N N 112 
HOH H2     H  N N 113 
MG  MG     MG N N 114 
RSP P      P  N N 115 
RSP N1     N  N N 116 
RSP C2     C  N N 117 
RSP S2     S  N N 118 
RSP N3     N  N N 119 
RSP C4     C  N N 120 
RSP N4     N  N N 121 
RSP C5     C  N N 122 
RSP C6     C  N N 123 
RSP "C1'"  C  N R 124 
RSP "C2'"  C  N R 125 
RSP "O2'"  O  N N 126 
RSP "C3'"  C  N S 127 
RSP "O3'"  O  N N 128 
RSP "C4'"  C  N R 129 
RSP "O4'"  O  N N 130 
RSP "C5'"  C  N N 131 
RSP "O5'"  O  N N 132 
RSP OP1    O  N N 133 
RSP OP2    O  N N 134 
RSP OP3    O  N N 135 
RSP H5     H  N N 136 
RSP H6     H  N N 137 
RSP "H5'"  H  N N 138 
RSP "H1'"  H  N N 139 
RSP "H2'"  H  N N 140 
RSP "HO2'" H  N N 141 
RSP "H3'"  H  N N 142 
RSP "H4'"  H  N N 143 
RSP HN4    H  N N 144 
RSP HN4A   H  N N 145 
RSP "H5'A" H  N N 146 
RSP "HO3'" H  N N 147 
RSP HOP2   H  N N 148 
RSP HOP3   H  N N 149 
U   OP3    O  N N 150 
U   P      P  N N 151 
U   OP1    O  N N 152 
U   OP2    O  N N 153 
U   "O5'"  O  N N 154 
U   "C5'"  C  N N 155 
U   "C4'"  C  N R 156 
U   "O4'"  O  N N 157 
U   "C3'"  C  N S 158 
U   "O3'"  O  N N 159 
U   "C2'"  C  N R 160 
U   "O2'"  O  N N 161 
U   "C1'"  C  N R 162 
U   N1     N  N N 163 
U   C2     C  N N 164 
U   O2     O  N N 165 
U   N3     N  N N 166 
U   C4     C  N N 167 
U   O4     O  N N 168 
U   C5     C  N N 169 
U   C6     C  N N 170 
U   HOP3   H  N N 171 
U   HOP2   H  N N 172 
U   "H5'"  H  N N 173 
U   "H5''" H  N N 174 
U   "H4'"  H  N N 175 
U   "H3'"  H  N N 176 
U   "HO3'" H  N N 177 
U   "H2'"  H  N N 178 
U   "HO2'" H  N N 179 
U   "H1'"  H  N N 180 
U   H3     H  N N 181 
U   H5     H  N N 182 
U   H6     H  N N 183 
# 
loop_
_chem_comp_bond.comp_id 
_chem_comp_bond.atom_id_1 
_chem_comp_bond.atom_id_2 
_chem_comp_bond.value_order 
_chem_comp_bond.pdbx_aromatic_flag 
_chem_comp_bond.pdbx_stereo_config 
_chem_comp_bond.pdbx_ordinal 
A   OP3    P      sing N N 1   
A   OP3    HOP3   sing N N 2   
A   P      OP1    doub N N 3   
A   P      OP2    sing N N 4   
A   P      "O5'"  sing N N 5   
A   OP2    HOP2   sing N N 6   
A   "O5'"  "C5'"  sing N N 7   
A   "C5'"  "C4'"  sing N N 8   
A   "C5'"  "H5'"  sing N N 9   
A   "C5'"  "H5''" sing N N 10  
A   "C4'"  "O4'"  sing N N 11  
A   "C4'"  "C3'"  sing N N 12  
A   "C4'"  "H4'"  sing N N 13  
A   "O4'"  "C1'"  sing N N 14  
A   "C3'"  "O3'"  sing N N 15  
A   "C3'"  "C2'"  sing N N 16  
A   "C3'"  "H3'"  sing N N 17  
A   "O3'"  "HO3'" sing N N 18  
A   "C2'"  "O2'"  sing N N 19  
A   "C2'"  "C1'"  sing N N 20  
A   "C2'"  "H2'"  sing N N 21  
A   "O2'"  "HO2'" sing N N 22  
A   "C1'"  N9     sing N N 23  
A   "C1'"  "H1'"  sing N N 24  
A   N9     C8     sing Y N 25  
A   N9     C4     sing Y N 26  
A   C8     N7     doub Y N 27  
A   C8     H8     sing N N 28  
A   N7     C5     sing Y N 29  
A   C5     C6     sing Y N 30  
A   C5     C4     doub Y N 31  
A   C6     N6     sing N N 32  
A   C6     N1     doub Y N 33  
A   N6     H61    sing N N 34  
A   N6     H62    sing N N 35  
A   N1     C2     sing Y N 36  
A   C2     N3     doub Y N 37  
A   C2     H2     sing N N 38  
A   N3     C4     sing Y N 39  
C   OP3    P      sing N N 40  
C   OP3    HOP3   sing N N 41  
C   P      OP1    doub N N 42  
C   P      OP2    sing N N 43  
C   P      "O5'"  sing N N 44  
C   OP2    HOP2   sing N N 45  
C   "O5'"  "C5'"  sing N N 46  
C   "C5'"  "C4'"  sing N N 47  
C   "C5'"  "H5'"  sing N N 48  
C   "C5'"  "H5''" sing N N 49  
C   "C4'"  "O4'"  sing N N 50  
C   "C4'"  "C3'"  sing N N 51  
C   "C4'"  "H4'"  sing N N 52  
C   "O4'"  "C1'"  sing N N 53  
C   "C3'"  "O3'"  sing N N 54  
C   "C3'"  "C2'"  sing N N 55  
C   "C3'"  "H3'"  sing N N 56  
C   "O3'"  "HO3'" sing N N 57  
C   "C2'"  "O2'"  sing N N 58  
C   "C2'"  "C1'"  sing N N 59  
C   "C2'"  "H2'"  sing N N 60  
C   "O2'"  "HO2'" sing N N 61  
C   "C1'"  N1     sing N N 62  
C   "C1'"  "H1'"  sing N N 63  
C   N1     C2     sing N N 64  
C   N1     C6     sing N N 65  
C   C2     O2     doub N N 66  
C   C2     N3     sing N N 67  
C   N3     C4     doub N N 68  
C   C4     N4     sing N N 69  
C   C4     C5     sing N N 70  
C   N4     H41    sing N N 71  
C   N4     H42    sing N N 72  
C   C5     C6     doub N N 73  
C   C5     H5     sing N N 74  
C   C6     H6     sing N N 75  
G   OP3    P      sing N N 76  
G   OP3    HOP3   sing N N 77  
G   P      OP1    doub N N 78  
G   P      OP2    sing N N 79  
G   P      "O5'"  sing N N 80  
G   OP2    HOP2   sing N N 81  
G   "O5'"  "C5'"  sing N N 82  
G   "C5'"  "C4'"  sing N N 83  
G   "C5'"  "H5'"  sing N N 84  
G   "C5'"  "H5''" sing N N 85  
G   "C4'"  "O4'"  sing N N 86  
G   "C4'"  "C3'"  sing N N 87  
G   "C4'"  "H4'"  sing N N 88  
G   "O4'"  "C1'"  sing N N 89  
G   "C3'"  "O3'"  sing N N 90  
G   "C3'"  "C2'"  sing N N 91  
G   "C3'"  "H3'"  sing N N 92  
G   "O3'"  "HO3'" sing N N 93  
G   "C2'"  "O2'"  sing N N 94  
G   "C2'"  "C1'"  sing N N 95  
G   "C2'"  "H2'"  sing N N 96  
G   "O2'"  "HO2'" sing N N 97  
G   "C1'"  N9     sing N N 98  
G   "C1'"  "H1'"  sing N N 99  
G   N9     C8     sing Y N 100 
G   N9     C4     sing Y N 101 
G   C8     N7     doub Y N 102 
G   C8     H8     sing N N 103 
G   N7     C5     sing Y N 104 
G   C5     C6     sing N N 105 
G   C5     C4     doub Y N 106 
G   C6     O6     doub N N 107 
G   C6     N1     sing N N 108 
G   N1     C2     sing N N 109 
G   N1     H1     sing N N 110 
G   C2     N2     sing N N 111 
G   C2     N3     doub N N 112 
G   N2     H21    sing N N 113 
G   N2     H22    sing N N 114 
G   N3     C4     sing N N 115 
HOH O      H1     sing N N 116 
HOH O      H2     sing N N 117 
RSP OP1    P      doub N N 118 
RSP OP3    P      sing N N 119 
RSP P      OP2    sing N N 120 
RSP P      "O5'"  sing N N 121 
RSP C6     N1     sing N N 122 
RSP N1     C2     sing N N 123 
RSP N1     "C1'"  sing N N 124 
RSP N3     C2     sing N N 125 
RSP C2     S2     doub N N 126 
RSP C4     N3     doub N N 127 
RSP N4     C4     sing N N 128 
RSP C5     C4     sing N N 129 
RSP HN4    N4     sing N N 130 
RSP N4     HN4A   sing N N 131 
RSP H5     C5     sing N N 132 
RSP C5     C6     doub N N 133 
RSP H6     C6     sing N N 134 
RSP "O4'"  "C1'"  sing N N 135 
RSP "C1'"  "H1'"  sing N N 136 
RSP "C1'"  "C2'"  sing N N 137 
RSP "C3'"  "C2'"  sing N N 138 
RSP "C2'"  "H2'"  sing N N 139 
RSP "C2'"  "O2'"  sing N N 140 
RSP "O2'"  "HO2'" sing N N 141 
RSP "C4'"  "C3'"  sing N N 142 
RSP "H3'"  "C3'"  sing N N 143 
RSP "C3'"  "O3'"  sing N N 144 
RSP "O3'"  "HO3'" sing N N 145 
RSP "C5'"  "C4'"  sing N N 146 
RSP "O4'"  "C4'"  sing N N 147 
RSP "C4'"  "H4'"  sing N N 148 
RSP "O5'"  "C5'"  sing N N 149 
RSP "H5'A" "C5'"  sing N N 150 
RSP "C5'"  "H5'"  sing N N 151 
RSP OP2    HOP2   sing N N 152 
RSP OP3    HOP3   sing N N 153 
U   OP3    P      sing N N 154 
U   OP3    HOP3   sing N N 155 
U   P      OP1    doub N N 156 
U   P      OP2    sing N N 157 
U   P      "O5'"  sing N N 158 
U   OP2    HOP2   sing N N 159 
U   "O5'"  "C5'"  sing N N 160 
U   "C5'"  "C4'"  sing N N 161 
U   "C5'"  "H5'"  sing N N 162 
U   "C5'"  "H5''" sing N N 163 
U   "C4'"  "O4'"  sing N N 164 
U   "C4'"  "C3'"  sing N N 165 
U   "C4'"  "H4'"  sing N N 166 
U   "O4'"  "C1'"  sing N N 167 
U   "C3'"  "O3'"  sing N N 168 
U   "C3'"  "C2'"  sing N N 169 
U   "C3'"  "H3'"  sing N N 170 
U   "O3'"  "HO3'" sing N N 171 
U   "C2'"  "O2'"  sing N N 172 
U   "C2'"  "C1'"  sing N N 173 
U   "C2'"  "H2'"  sing N N 174 
U   "O2'"  "HO2'" sing N N 175 
U   "C1'"  N1     sing N N 176 
U   "C1'"  "H1'"  sing N N 177 
U   N1     C2     sing N N 178 
U   N1     C6     sing N N 179 
U   C2     O2     doub N N 180 
U   C2     N3     sing N N 181 
U   N3     C4     sing N N 182 
U   N3     H3     sing N N 183 
U   C4     O4     doub N N 184 
U   C4     C5     sing N N 185 
U   C5     C6     doub N N 186 
U   C5     H5     sing N N 187 
U   C6     H6     sing N N 188 
# 
loop_
_ndb_struct_conf_na.entry_id 
_ndb_struct_conf_na.feature 
9CSP 'a-form double helix'  
9CSP 'mismatched base pair' 
# 
loop_
_ndb_struct_na_base_pair.model_number 
_ndb_struct_na_base_pair.i_label_asym_id 
_ndb_struct_na_base_pair.i_label_comp_id 
_ndb_struct_na_base_pair.i_label_seq_id 
_ndb_struct_na_base_pair.i_symmetry 
_ndb_struct_na_base_pair.j_label_asym_id 
_ndb_struct_na_base_pair.j_label_comp_id 
_ndb_struct_na_base_pair.j_label_seq_id 
_ndb_struct_na_base_pair.j_symmetry 
_ndb_struct_na_base_pair.shear 
_ndb_struct_na_base_pair.stretch 
_ndb_struct_na_base_pair.stagger 
_ndb_struct_na_base_pair.buckle 
_ndb_struct_na_base_pair.propeller 
_ndb_struct_na_base_pair.opening 
_ndb_struct_na_base_pair.pair_number 
_ndb_struct_na_base_pair.pair_name 
_ndb_struct_na_base_pair.i_auth_asym_id 
_ndb_struct_na_base_pair.i_auth_seq_id 
_ndb_struct_na_base_pair.i_PDB_ins_code 
_ndb_struct_na_base_pair.j_auth_asym_id 
_ndb_struct_na_base_pair.j_auth_seq_id 
_ndb_struct_na_base_pair.j_PDB_ins_code 
_ndb_struct_na_base_pair.hbond_type_28 
_ndb_struct_na_base_pair.hbond_type_12 
1 A A   1  1_555 A U   16 4_555 0.037  -0.195 0.127  0.545   -10.191 -0.235 1  A_A1:U16_A   A 1  ? A 16 ? 20 1 
1 A G   2  1_555 A C   15 4_555 -0.284 -0.268 -0.075 -2.833  -14.194 -0.762 2  A_G2:C15_A   A 2  ? A 15 ? 19 1 
1 A A   3  1_555 A U   14 4_555 0.014  -0.214 0.082  -1.972  -11.869 1.782  3  A_A3:U14_A   A 3  ? A 14 ? 20 1 
1 A G   4  1_555 A C   13 4_555 -0.492 -0.229 -0.225 -2.389  -9.868  -1.566 4  A_G4:C13_A   A 4  ? A 13 ? 19 1 
1 A A   5  1_555 A U   12 4_555 -0.038 -0.162 -0.191 -6.935  -10.987 4.539  5  A_A5:U12_A   A 5  ? A 12 ? 20 1 
1 A A   6  1_555 A U   11 4_555 0.126  -0.157 -0.245 -10.733 -13.632 1.487  6  A_A6:U11_A   A 6  ? A 11 ? 20 1 
1 A G   7  1_555 A RSP 10 4_555 -0.097 -0.058 -0.243 -10.720 -11.996 -8.982 7  A_G7:RSP10_A A 7  ? A 10 ? ?  1 
1 A A   8  1_555 A U   9  4_555 -0.043 -0.215 0.057  -3.105  -12.072 2.051  8  A_A8:U9_A    A 8  ? A 9  ? 20 1 
1 A U   9  1_555 A A   8  4_555 0.043  -0.215 0.057  3.105   -12.072 2.051  9  A_U9:A8_A    A 9  ? A 8  ? 20 1 
1 A RSP 10 1_555 A G   7  4_555 0.097  -0.058 -0.243 10.720  -11.996 -8.982 10 A_RSP10:G7_A A 10 ? A 7  ? ?  1 
1 A U   11 1_555 A A   6  4_555 -0.126 -0.157 -0.245 10.733  -13.632 1.487  11 A_U11:A6_A   A 11 ? A 6  ? 20 1 
1 A U   12 1_555 A A   5  4_555 0.038  -0.162 -0.191 6.935   -10.987 4.539  12 A_U12:A5_A   A 12 ? A 5  ? 20 1 
1 A C   13 1_555 A G   4  4_555 0.492  -0.229 -0.225 2.389   -9.868  -1.566 13 A_C13:G4_A   A 13 ? A 4  ? 19 1 
1 A U   14 1_555 A A   3  4_555 -0.014 -0.214 0.082  1.972   -11.869 1.782  14 A_U14:A3_A   A 14 ? A 3  ? 20 1 
1 A C   15 1_555 A G   2  4_555 0.284  -0.268 -0.075 2.833   -14.194 -0.762 15 A_C15:G2_A   A 15 ? A 2  ? 19 1 
1 A U   16 1_555 A A   1  4_555 -0.037 -0.195 0.127  -0.545  -10.191 -0.235 16 A_U16:A1_A   A 16 ? A 1  ? 20 1 
# 
loop_
_ndb_struct_na_base_pair_step.model_number 
_ndb_struct_na_base_pair_step.i_label_asym_id_1 
_ndb_struct_na_base_pair_step.i_label_comp_id_1 
_ndb_struct_na_base_pair_step.i_label_seq_id_1 
_ndb_struct_na_base_pair_step.i_symmetry_1 
_ndb_struct_na_base_pair_step.j_label_asym_id_1 
_ndb_struct_na_base_pair_step.j_label_comp_id_1 
_ndb_struct_na_base_pair_step.j_label_seq_id_1 
_ndb_struct_na_base_pair_step.j_symmetry_1 
_ndb_struct_na_base_pair_step.i_label_asym_id_2 
_ndb_struct_na_base_pair_step.i_label_comp_id_2 
_ndb_struct_na_base_pair_step.i_label_seq_id_2 
_ndb_struct_na_base_pair_step.i_symmetry_2 
_ndb_struct_na_base_pair_step.j_label_asym_id_2 
_ndb_struct_na_base_pair_step.j_label_comp_id_2 
_ndb_struct_na_base_pair_step.j_label_seq_id_2 
_ndb_struct_na_base_pair_step.j_symmetry_2 
_ndb_struct_na_base_pair_step.shift 
_ndb_struct_na_base_pair_step.slide 
_ndb_struct_na_base_pair_step.rise 
_ndb_struct_na_base_pair_step.tilt 
_ndb_struct_na_base_pair_step.roll 
_ndb_struct_na_base_pair_step.twist 
_ndb_struct_na_base_pair_step.x_displacement 
_ndb_struct_na_base_pair_step.y_displacement 
_ndb_struct_na_base_pair_step.helical_rise 
_ndb_struct_na_base_pair_step.inclination 
_ndb_struct_na_base_pair_step.tip 
_ndb_struct_na_base_pair_step.helical_twist 
_ndb_struct_na_base_pair_step.step_number 
_ndb_struct_na_base_pair_step.step_name 
_ndb_struct_na_base_pair_step.i_auth_asym_id_1 
_ndb_struct_na_base_pair_step.i_auth_seq_id_1 
_ndb_struct_na_base_pair_step.i_PDB_ins_code_1 
_ndb_struct_na_base_pair_step.j_auth_asym_id_1 
_ndb_struct_na_base_pair_step.j_auth_seq_id_1 
_ndb_struct_na_base_pair_step.j_PDB_ins_code_1 
_ndb_struct_na_base_pair_step.i_auth_asym_id_2 
_ndb_struct_na_base_pair_step.i_auth_seq_id_2 
_ndb_struct_na_base_pair_step.i_PDB_ins_code_2 
_ndb_struct_na_base_pair_step.j_auth_asym_id_2 
_ndb_struct_na_base_pair_step.j_auth_seq_id_2 
_ndb_struct_na_base_pair_step.j_PDB_ins_code_2 
1 A A   1  1_555 A U   16 4_555 A G   2  1_555 A C   15 4_555 -0.566 -1.175 3.237 -0.845 6.401  34.167 -2.906 0.823  2.988 10.774 
1.422  34.754 1  AA_A1G2:C15U16_AA   A 1  ? A 16 ? A 2  ? A 15 ? 
1 A G   2  1_555 A C   15 4_555 A A   3  1_555 A U   14 4_555 0.642  -1.321 3.152 -0.210 3.485  33.873 -2.780 -1.127 3.001 5.961  
0.360  34.048 2  AA_G2A3:U14C15_AA   A 2  ? A 15 ? A 3  ? A 14 ? 
1 A A   3  1_555 A U   14 4_555 A G   4  1_555 A C   13 4_555 -0.292 -1.633 3.212 0.459  11.912 29.172 -4.989 0.614  2.374 22.502 
-0.866 31.465 3  AA_A3G4:C13U14_AA   A 3  ? A 14 ? A 4  ? A 13 ? 
1 A G   4  1_555 A C   13 4_555 A A   5  1_555 A U   12 4_555 0.566  -1.681 3.356 -0.952 13.311 31.242 -4.859 -1.113 2.440 23.422 
1.676  33.907 4  AA_G4A5:U12C13_AA   A 4  ? A 13 ? A 5  ? A 12 ? 
1 A A   5  1_555 A U   12 4_555 A A   6  1_555 A U   11 4_555 0.414  -1.690 3.327 2.861  12.663 32.839 -4.545 -0.288 2.549 21.387 
-4.832 35.247 5  AA_A5A6:U11U12_AA   A 5  ? A 12 ? A 6  ? A 11 ? 
1 A A   6  1_555 A U   11 4_555 A G   7  1_555 A RSP 10 4_555 -0.639 -1.865 3.229 1.471  8.953  27.902 -5.418 1.548  2.487 17.975 
-2.954 29.312 6  AA_A6G7:RSP10U11_AA A 6  ? A 11 ? A 7  ? A 10 ? 
1 A G   7  1_555 A RSP 10 4_555 A A   8  1_555 A U   9  4_555 0.437  -1.393 3.055 -1.267 6.969  30.761 -3.709 -1.013 2.664 12.923 
2.349  31.546 7  AA_G7A8:U9RSP10_AA  A 7  ? A 10 ? A 8  ? A 9  ? 
1 A A   8  1_555 A U   9  4_555 A U   9  1_555 A A   8  4_555 0.000  -1.085 3.080 0.000  9.300  31.139 -3.402 0.000  2.654 16.858 
0.000  32.466 8  AA_A8U9:A8U9_AA     A 8  ? A 9  ? A 9  ? A 8  ? 
1 A U   9  1_555 A A   8  4_555 A RSP 10 1_555 A G   7  4_555 -0.437 -1.393 3.055 1.267  6.969  30.761 -3.709 1.013  2.664 12.923 
-2.349 31.546 9  AA_U9RSP10:G7A8_AA  A 9  ? A 8  ? A 10 ? A 7  ? 
1 A RSP 10 1_555 A G   7  4_555 A U   11 1_555 A A   6  4_555 0.639  -1.865 3.229 -1.471 8.953  27.902 -5.418 -1.548 2.487 17.975 
2.954  29.312 10 AA_RSP10U11:A6G7_AA A 10 ? A 7  ? A 11 ? A 6  ? 
1 A U   11 1_555 A A   6  4_555 A U   12 1_555 A A   5  4_555 -0.414 -1.690 3.327 -2.861 12.663 32.839 -4.545 0.288  2.549 21.387 
4.832  35.247 11 AA_U11U12:A5A6_AA   A 11 ? A 6  ? A 12 ? A 5  ? 
1 A U   12 1_555 A A   5  4_555 A C   13 1_555 A G   4  4_555 -0.566 -1.681 3.356 0.952  13.311 31.242 -4.859 1.113  2.440 23.422 
-1.676 33.907 12 AA_U12C13:G4A5_AA   A 12 ? A 5  ? A 13 ? A 4  ? 
1 A C   13 1_555 A G   4  4_555 A U   14 1_555 A A   3  4_555 0.292  -1.633 3.212 -0.459 11.912 29.172 -4.989 -0.614 2.374 22.502 
0.866  31.465 13 AA_C13U14:A3G4_AA   A 13 ? A 4  ? A 14 ? A 3  ? 
1 A U   14 1_555 A A   3  4_555 A C   15 1_555 A G   2  4_555 -0.642 -1.321 3.152 0.210  3.485  33.873 -2.780 1.127  3.001 5.961  
-0.360 34.048 14 AA_U14C15:G2A3_AA   A 14 ? A 3  ? A 15 ? A 2  ? 
1 A C   15 1_555 A G   2  4_555 A U   16 1_555 A A   1  4_555 0.566  -1.175 3.237 0.845  6.401  34.167 -2.906 -0.823 2.988 10.774 
-1.422 34.754 15 AA_C15U16:A1G2_AA   A 15 ? A 2  ? A 16 ? A 1  ? 
# 
loop_
_pdbx_audit_support.funding_organization 
_pdbx_audit_support.country 
_pdbx_audit_support.grant_number 
_pdbx_audit_support.ordinal 
'National Science Foundation (NSF, United States)' 'United States' 2104708 1 
'Howard Hughes Medical Institute (HHMI)'           'United States' ?       2 
# 
_pdbx_initial_refinement_model.id               1 
_pdbx_initial_refinement_model.entity_id_list   ? 
_pdbx_initial_refinement_model.type             'experimental model' 
_pdbx_initial_refinement_model.source_name      PDB 
_pdbx_initial_refinement_model.accession_code   3ND4 
_pdbx_initial_refinement_model.details          ? 
# 
_atom_sites.entry_id                    9CSP 
_atom_sites.Cartn_transf_matrix[1][1]   ? 
_atom_sites.Cartn_transf_matrix[1][2]   ? 
_atom_sites.Cartn_transf_matrix[1][3]   ? 
_atom_sites.Cartn_transf_matrix[2][1]   ? 
_atom_sites.Cartn_transf_matrix[2][2]   ? 
_atom_sites.Cartn_transf_matrix[2][3]   ? 
_atom_sites.Cartn_transf_matrix[3][1]   ? 
_atom_sites.Cartn_transf_matrix[3][2]   ? 
_atom_sites.Cartn_transf_matrix[3][3]   ? 
_atom_sites.Cartn_transf_vector[1]      ? 
_atom_sites.Cartn_transf_vector[2]      ? 
_atom_sites.Cartn_transf_vector[3]      ? 
_atom_sites.Cartn_transform_axes        ? 
_atom_sites.fract_transf_matrix[1][1]   -0.00963095 
_atom_sites.fract_transf_matrix[1][2]   0.00682895 
_atom_sites.fract_transf_matrix[1][3]   0.02540628 
_atom_sites.fract_transf_matrix[2][1]   0.01478238 
_atom_sites.fract_transf_matrix[2][2]   -0.00667145 
_atom_sites.fract_transf_matrix[2][3]   0.02284323 
_atom_sites.fract_transf_matrix[3][1]   0.00387842 
_atom_sites.fract_transf_matrix[3][2]   0.00709651 
_atom_sites.fract_transf_matrix[3][3]   -0.00043725 
_atom_sites.fract_transf_vector[1]      0.413771 
_atom_sites.fract_transf_vector[2]      0.443980 
_atom_sites.fract_transf_vector[3]      -0.013526 
_atom_sites.solution_primary            ? 
_atom_sites.solution_secondary          ? 
_atom_sites.solution_hydrogens          ? 
_atom_sites.special_details             ? 
# 
loop_
_atom_type.symbol 
_atom_type.pdbx_scat_Z 
_atom_type.pdbx_N_electrons 
_atom_type.scat_Cromer_Mann_a1 
_atom_type.scat_Cromer_Mann_b1 
_atom_type.scat_Cromer_Mann_a2 
_atom_type.scat_Cromer_Mann_b2 
_atom_type.scat_Cromer_Mann_a3 
_atom_type.scat_Cromer_Mann_b3 
_atom_type.scat_Cromer_Mann_a4 
_atom_type.scat_Cromer_Mann_b4 
_atom_type.scat_Cromer_Mann_c 
C  6  6  2.3103  20.8439 1.0201 10.2075 1.5888 0.5687  0.8651 51.6512 0.2156   
H  1  1  0.4930  10.5109 0.3229 26.1257 0.1402 3.1424  0.0408 57.7997 0.0030   
MG 12 12 5.4265  2.8275  2.1759 79.2611 1.2283 0.3808  2.3099 7.1937  0.8594   
N  7  7  12.2220 0.0057  3.1346 9.8933  2.0141 28.9975 1.1672 0.5826  -11.5379 
O  8  8  3.0487  13.2771 2.2870 5.7011  1.5464 0.3239  0.8671 32.9089 0.2508   
P  15 15 6.4348  1.9067  4.1793 27.1570 1.7801 0.5260  1.4909 68.1645 1.1150   
S  16 16 6.9054  1.4679  5.2035 22.2151 1.4379 0.2536  1.5863 56.1720 0.8669   
# 
loop_
_atom_site.group_PDB 
_atom_site.id 
_atom_site.type_symbol 
_atom_site.label_atom_id 
_atom_site.label_alt_id 
_atom_site.label_comp_id 
_atom_site.label_asym_id 
_atom_site.label_entity_id 
_atom_site.label_seq_id 
_atom_site.pdbx_PDB_ins_code 
_atom_site.Cartn_x 
_atom_site.Cartn_y 
_atom_site.Cartn_z 
_atom_site.occupancy 
_atom_site.B_iso_or_equiv 
_atom_site.pdbx_formal_charge 
_atom_site.auth_seq_id 
_atom_site.auth_comp_id 
_atom_site.auth_asym_id 
_atom_site.auth_atom_id 
_atom_site.pdbx_PDB_model_num 
_atom_site.calc_flag 
ATOM   1   O  "O5'" . A   A 1 1  ? 11.470  13.103  -7.063  1.000 25.885 0 1   A   A "O5'" 1 ? 
ATOM   2   C  "C5'" . A   A 1 1  ? 12.670  12.407  -7.459  1.000 19.981 0 1   A   A "C5'" 1 ? 
ATOM   3   C  "C4'" . A   A 1 1  ? 13.687  12.526  -6.358  1.000 17.350 0 1   A   A "C4'" 1 ? 
ATOM   4   O  "O4'" . A   A 1 1  ? 13.989  13.922  -6.142  1.000 14.632 0 1   A   A "O4'" 1 ? 
ATOM   5   C  "C3'" . A   A 1 1  ? 13.285  12.028  -4.969  1.000 15.955 0 1   A   A "C3'" 1 ? 
ATOM   6   O  "O3'" . A   A 1 1  ? 13.648  10.679  -4.798  1.000 14.994 0 1   A   A "O3'" 1 ? 
ATOM   7   C  "C2'" . A   A 1 1  ? 14.181  12.836  -4.045  1.000 15.004 0 1   A   A "C2'" 1 ? 
ATOM   8   O  "O2'" . A   A 1 1  ? 15.507  12.357  -4.027  1.000 14.446 0 1   A   A "O2'" 1 ? 
ATOM   9   C  "C1'" . A   A 1 1  ? 14.137  14.174  -4.755  1.000 13.315 0 1   A   A "C1'" 1 ? 
ATOM   10  N  N9    . A   A 1 1  ? 13.061  15.062  -4.362  1.000 12.485 0 1   A   A N9    1 ? 
ATOM   11  C  C8    . A   A 1 1  ? 12.013  15.484  -5.139  1.000 11.926 0 1   A   A C8    1 ? 
ATOM   12  N  N7    . A   A 1 1  ? 11.226  16.342  -4.541  1.000 12.235 0 1   A   A N7    1 ? 
ATOM   13  C  C5    . A   A 1 1  ? 11.857  16.575  -3.326  1.000 11.127 0 1   A   A C5    1 ? 
ATOM   14  C  C6    . A   A 1 1  ? 11.530  17.412  -2.248  1.000 10.980 0 1   A   A C6    1 ? 
ATOM   15  N  N6    . A   A 1 1  ? 10.489  18.227  -2.248  1.000 12.718 0 1   A   A N6    1 ? 
ATOM   16  N  N1    . A   A 1 1  ? 12.339  17.381  -1.168  1.000 10.020 0 1   A   A N1    1 ? 
ATOM   17  C  C2    . A   A 1 1  ? 13.384  16.551  -1.209  1.000 9.007  0 1   A   A C2    1 ? 
ATOM   18  N  N3    . A   A 1 1  ? 13.783  15.705  -2.149  1.000 9.581  0 1   A   A N3    1 ? 
ATOM   19  C  C4    . A   A 1 1  ? 12.975  15.783  -3.203  1.000 10.329 0 1   A   A C4    1 ? 
ATOM   20  P  P     . G   A 1 2  ? 12.709  9.724   -3.931  1.000 14.907 0 2   G   A P     1 ? 
ATOM   21  O  OP1   . G   A 1 2  ? 13.084  8.324   -4.249  1.000 17.683 0 2   G   A OP1   1 ? 
ATOM   22  O  OP2   . G   A 1 2  ? 11.281  10.140  -4.003  1.000 14.761 0 2   G   A OP2   1 ? 
ATOM   23  O  "O5'" . G   A 1 2  ? 13.098  10.067  -2.427  1.000 14.232 0 2   G   A "O5'" 1 ? 
ATOM   24  C  "C5'" . G   A 1 2  ? 14.385  9.747   -1.944  1.000 14.566 0 2   G   A "C5'" 1 ? 
ATOM   25  C  "C4'" . G   A 1 2  ? 14.481  10.297  -0.549  1.000 14.795 0 2   G   A "C4'" 1 ? 
ATOM   26  O  "O4'" . G   A 1 2  ? 14.533  11.744  -0.631  1.000 14.121 0 2   G   A "O4'" 1 ? 
ATOM   27  C  "C3'" . G   A 1 2  ? 13.287  10.055  0.374   1.000 14.726 0 2   G   A "C3'" 1 ? 
ATOM   28  O  "O3'" . G   A 1 2  ? 13.316  8.747   0.893   1.000 14.864 0 2   G   A "O3'" 1 ? 
ATOM   29  C  "C2'" . G   A 1 2  ? 13.569  11.122  1.433   1.000 13.280 0 2   G   A "C2'" 1 ? 
ATOM   30  O  "O2'" . G   A 1 2  ? 14.611  10.773  2.313   1.000 14.969 0 2   G   A "O2'" 1 ? 
ATOM   31  C  "C1'" . G   A 1 2  ? 13.901  12.293  0.509   1.000 12.567 0 2   G   A "C1'" 1 ? 
ATOM   32  N  N9    . G   A 1 2  ? 12.736  13.006  0.036   1.000 10.712 0 2   G   A N9    1 ? 
ATOM   33  C  C8    . G   A 1 2  ? 12.112  12.868  -1.179  1.000 9.882  0 2   G   A C8    1 ? 
ATOM   34  N  N7    . G   A 1 2  ? 11.104  13.684  -1.342  1.000 9.853  0 2   G   A N7    1 ? 
ATOM   35  C  C5    . G   A 1 2  ? 11.077  14.392  -0.139  1.000 8.990  0 2   G   A C5    1 ? 
ATOM   36  C  C6    . G   A 1 2  ? 10.209  15.406  0.291   1.000 9.118  0 2   G   A C6    1 ? 
ATOM   37  O  O6    . G   A 1 2  ? 9.279   15.912  -0.343  1.000 9.979  0 2   G   A O6    1 ? 
ATOM   38  N  N1    . G   A 1 2  ? 10.504  15.830  1.597   1.000 9.604  0 2   G   A N1    1 ? 
ATOM   39  C  C2    . G   A 1 2  ? 11.488  15.310  2.399   1.000 9.405  0 2   G   A C2    1 ? 
ATOM   40  N  N2    . G   A 1 2  ? 11.619  15.811  3.636   1.000 10.053 0 2   G   A N2    1 ? 
ATOM   41  N  N3    . G   A 1 2  ? 12.344  14.387  1.968   1.000 8.630  0 2   G   A N3    1 ? 
ATOM   42  C  C4    . G   A 1 2  ? 12.058  13.969  0.713   1.000 8.854  0 2   G   A C4    1 ? 
ATOM   43  P  P     . A   A 1 3  ? 11.960  8.012   1.305   1.000 17.527 0 3   A   A P     1 ? 
ATOM   44  O  OP1   . A   A 1 3  ? 12.316  6.673   1.867   1.000 18.408 0 3   A   A OP1   1 ? 
ATOM   45  O  OP2   . A   A 1 3  ? 10.870  8.130   0.304   1.000 17.277 0 3   A   A OP2   1 ? 
ATOM   46  O  "O5'" . A   A 1 3  ? 11.390  8.905   2.488   1.000 15.043 0 3   A   A "O5'" 1 ? 
ATOM   47  C  "C5'" . A   A 1 3  ? 12.152  8.944   3.693   1.000 14.017 0 3   A   A "C5'" 1 ? 
ATOM   48  C  "C4'" . A   A 1 3  ? 11.553  10.018  4.557   1.000 13.802 0 3   A   A "C4'" 1 ? 
ATOM   49  O  "O4'" . A   A 1 3  ? 11.641  11.316  3.930   1.000 12.522 0 3   A   A "O4'" 1 ? 
ATOM   50  C  "C3'" . A   A 1 3  ? 10.059  9.876   4.838   1.000 13.957 0 3   A   A "C3'" 1 ? 
ATOM   51  O  "O3'" . A   A 1 3  ? 9.893   8.817   5.768   1.000 14.546 0 3   A   A "O3'" 1 ? 
ATOM   52  C  "C2'" . A   A 1 3  ? 9.780   11.267  5.391   1.000 12.886 0 3   A   A "C2'" 1 ? 
ATOM   53  O  "O2'" . A   A 1 3  ? 10.267  11.411  6.706   1.000 12.562 0 3   A   A "O2'" 1 ? 
ATOM   54  C  "C1'" . A   A 1 3  ? 10.530  12.095  4.344   1.000 11.331 0 3   A   A "C1'" 1 ? 
ATOM   55  N  N9    . A   A 1 3  ? 9.722   12.419  3.174   1.000 9.867  0 3   A   A N9    1 ? 
ATOM   56  C  C8    . A   A 1 3  ? 9.712   11.773  1.971   1.000 9.384  0 3   A   A C8    1 ? 
ATOM   57  N  N7    . A   A 1 3  ? 8.852   12.259  1.120   1.000 9.275  0 3   A   A N7    1 ? 
ATOM   58  C  C5    . A   A 1 3  ? 8.232   13.282  1.816   1.000 9.145  0 3   A   A C5    1 ? 
ATOM   59  C  C6    . A   A 1 3  ? 7.243   14.213  1.445   1.000 8.569  0 3   A   A C6    1 ? 
ATOM   60  N  N6    . A   A 1 3  ? 6.697   14.270  0.225   1.000 9.569  0 3   A   A N6    1 ? 
ATOM   61  N  N1    . A   A 1 3  ? 6.828   15.079  2.404   1.000 8.742  0 3   A   A N1    1 ? 
ATOM   62  C  C2    . A   A 1 3  ? 7.432   15.071  3.603   1.000 8.598  0 3   A   A C2    1 ? 
ATOM   63  N  N3    . A   A 1 3  ? 8.387   14.252  4.046   1.000 8.324  0 3   A   A N3    1 ? 
ATOM   64  C  C4    . A   A 1 3  ? 8.735   13.370  3.094   1.000 8.418  0 3   A   A C4    1 ? 
ATOM   65  P  P     . G   A 1 4  ? 8.490   8.064   5.792   1.000 16.372 0 4   G   A P     1 ? 
ATOM   66  O  OP1   . G   A 1 4  ? 8.608   6.961   6.787   1.000 18.443 0 4   G   A OP1   1 ? 
ATOM   67  O  OP2   . G   A 1 4  ? 8.082   7.730   4.414   1.000 14.632 0 4   G   A OP2   1 ? 
ATOM   68  O  "O5'" . G   A 1 4  ? 7.469   9.119   6.428   1.000 15.386 0 4   G   A "O5'" 1 ? 
ATOM   69  C  "C5'" . G   A 1 4  ? 7.632   9.629   7.763   1.000 15.183 0 4   G   A "C5'" 1 ? 
ATOM   70  C  "C4'" . G   A 1 4  ? 6.552   10.642  8.037   1.000 15.592 0 4   G   A "C4'" 1 ? 
ATOM   71  O  "O4'" . G   A 1 4  ? 6.825   11.840  7.273   1.000 16.857 0 4   G   A "O4'" 1 ? 
ATOM   72  C  "C3'" . G   A 1 4  ? 5.119   10.330  7.596   1.000 16.355 0 4   G   A "C3'" 1 ? 
ATOM   73  O  "O3'" . G   A 1 4  ? 4.507   9.437   8.487   1.000 17.064 0 4   G   A "O3'" 1 ? 
ATOM   74  C  "C2'" . G   A 1 4  ? 4.500   11.715  7.677   1.000 16.182 0 4   G   A "C2'" 1 ? 
ATOM   75  O  "O2'" . G   A 1 4  ? 4.395   12.263  8.970   1.000 17.624 0 4   G   A "O2'" 1 ? 
ATOM   76  C  "C1'" . G   A 1 4  ? 5.596   12.462  6.936   1.000 16.761 0 4   G   A "C1'" 1 ? 
ATOM   77  N  N9    . G   A 1 4  ? 5.432   12.383  5.498   1.000 15.310 0 4   G   A N9    1 ? 
ATOM   78  C  C8    . G   A 1 4  ? 6.055   11.565  4.594   1.000 13.147 0 4   G   A C8    1 ? 
ATOM   79  N  N7    . G   A 1 4  ? 5.635   11.739  3.369   1.000 12.750 0 4   G   A N7    1 ? 
ATOM   80  C  C5    . G   A 1 4  ? 4.723   12.782  3.479   1.000 13.184 0 4   G   A C5    1 ? 
ATOM   81  C  C6    . G   A 1 4  ? 3.982   13.447  2.485   1.000 12.912 0 4   G   A C6    1 ? 
ATOM   82  O  O6    . G   A 1 4  ? 4.007   13.204  1.270   1.000 13.231 0 4   G   A O6    1 ? 
ATOM   83  N  N1    . G   A 1 4  ? 3.104   14.383  3.041   1.000 12.997 0 4   G   A N1    1 ? 
ATOM   84  C  C2    . G   A 1 4  ? 3.004   14.689  4.379   1.000 14.497 0 4   G   A C2    1 ? 
ATOM   85  N  N2    . G   A 1 4  ? 2.132   15.629  4.760   1.000 14.211 0 4   G   A N2    1 ? 
ATOM   86  N  N3    . G   A 1 4  ? 3.749   14.105  5.314   1.000 13.638 0 4   G   A N3    1 ? 
ATOM   87  C  C4    . G   A 1 4  ? 4.549   13.150  4.787   1.000 13.870 0 4   G   A C4    1 ? 
ATOM   88  P  P     . A   A 1 5  ? 3.431   8.409   7.924   1.000 19.259 0 5   A   A P     1 ? 
ATOM   89  O  OP1   . A   A 1 5  ? 3.100   7.564   9.109   1.000 21.702 0 5   A   A OP1   1 ? 
ATOM   90  O  OP2   . A   A 1 5  ? 3.804   7.721   6.653   1.000 18.520 0 5   A   A OP2   1 ? 
ATOM   91  O  "O5'" . A   A 1 5  ? 2.167   9.270   7.502   1.000 18.084 0 5   A   A "O5'" 1 ? 
ATOM   92  C  "C5'" . A   A 1 5  ? 1.480   10.041  8.538   1.000 18.809 0 5   A   A "C5'" 1 ? 
ATOM   93  C  "C4'" . A   A 1 5  ? 0.413   10.900  7.911   1.000 17.681 0 5   A   A "C4'" 1 ? 
ATOM   94  O  "O4'" . A   A 1 5  ? 1.011   11.920  7.090   1.000 16.711 0 5   A   A "O4'" 1 ? 
ATOM   95  C  "C3'" . A   A 1 5  ? -0.532  10.201  6.933   1.000 18.197 0 5   A   A "C3'" 1 ? 
ATOM   96  O  "O3'" . A   A 1 5  ? -1.458  9.444   7.675   1.000 18.452 0 5   A   A "O3'" 1 ? 
ATOM   97  C  "C2'" . A   A 1 5  ? -1.112  11.409  6.208   1.000 17.396 0 5   A   A "C2'" 1 ? 
ATOM   98  O  "O2'" . A   A 1 5  ? -2.022  12.117  7.018   1.000 19.743 0 5   A   A "O2'" 1 ? 
ATOM   99  C  "C1'" . A   A 1 5  ? 0.188   12.186  5.972   1.000 16.984 0 5   A   A "C1'" 1 ? 
ATOM   100 N  N9    . A   A 1 5  ? 0.853   11.773  4.745   1.000 14.970 0 5   A   A N9    1 ? 
ATOM   101 C  C8    . A   A 1 5  ? 1.916   10.930  4.567   1.000 15.115 0 5   A   A C8    1 ? 
ATOM   102 N  N7    . A   A 1 5  ? 2.229   10.731  3.313   1.000 14.472 0 5   A   A N7    1 ? 
ATOM   103 C  C5    . A   A 1 5  ? 1.273   11.470  2.623   1.000 13.226 0 5   A   A C5    1 ? 
ATOM   104 C  C6    . A   A 1 5  ? 1.057   11.710  1.252   1.000 12.961 0 5   A   A C6    1 ? 
ATOM   105 N  N6    . A   A 1 5  ? 1.778   11.176  0.272   1.000 11.938 0 5   A   A N6    1 ? 
ATOM   106 N  N1    . A   A 1 5  ? 0.015   12.502  0.922   1.000 13.946 0 5   A   A N1    1 ? 
ATOM   107 C  C2    . A   A 1 5  ? -0.724  13.061  1.885   1.000 13.571 0 5   A   A C2    1 ? 
ATOM   108 N  N3    . A   A 1 5  ? -0.609  12.923  3.205   1.000 14.234 0 5   A   A N3    1 ? 
ATOM   109 C  C4    . A   A 1 5  ? 0.424   12.110  3.498   1.000 13.821 0 5   A   A C4    1 ? 
ATOM   110 P  P     . A   A 1 6  ? -1.931  8.034   7.090   1.000 18.539 0 6   A   A P     1 ? 
ATOM   111 O  OP1   . A   A 1 6  ? -2.766  7.391   8.159   1.000 21.129 0 6   A   A OP1   1 ? 
ATOM   112 O  OP2   . A   A 1 6  ? -0.898  7.180   6.445   1.000 16.817 0 6   A   A OP2   1 ? 
ATOM   113 O  "O5'" . A   A 1 6  ? -2.912  8.464   5.914   1.000 17.902 0 6   A   A "O5'" 1 ? 
ATOM   114 C  "C5'" . A   A 1 6  ? -4.049  9.288   6.217   1.000 17.548 0 6   A   A "C5'" 1 ? 
ATOM   115 C  "C4'" . A   A 1 6  ? -4.630  9.783   4.913   1.000 19.058 0 6   A   A "C4'" 1 ? 
ATOM   116 O  "O4'" . A   A 1 6  ? -3.682  10.612  4.201   1.000 19.857 0 6   A   A "O4'" 1 ? 
ATOM   117 C  "C3'" . A   A 1 6  ? -4.956  8.725   3.863   1.000 19.142 0 6   A   A "C3'" 1 ? 
ATOM   118 O  "O3'" . A   A 1 6  ? -6.152  8.084   4.250   1.000 19.436 0 6   A   A "O3'" 1 ? 
ATOM   119 C  "C2'" . A   A 1 6  ? -5.146  9.624   2.636   1.000 17.324 0 6   A   A "C2'" 1 ? 
ATOM   120 O  "O2'" . A   A 1 6  ? -6.324  10.384  2.684   1.000 18.081 0 6   A   A "O2'" 1 ? 
ATOM   121 C  "C1'" . A   A 1 6  ? -3.936  10.537  2.807   1.000 17.711 0 6   A   A "C1'" 1 ? 
ATOM   122 N  N9    . A   A 1 6  ? -2.759  10.008  2.146   1.000 16.818 0 6   A   A N9    1 ? 
ATOM   123 C  C8    . A   A 1 6  ? -1.714  9.323   2.705   1.000 16.816 0 6   A   A C8    1 ? 
ATOM   124 N  N7    . A   A 1 6  ? -0.811  8.947   1.838   1.000 17.455 0 6   A   A N7    1 ? 
ATOM   125 C  C5    . A   A 1 6  ? -1.300  9.423   0.638   1.000 16.223 0 6   A   A C5    1 ? 
ATOM   126 C  C6    . A   A 1 6  ? -0.824  9.319   -0.672  1.000 14.795 0 6   A   A C6    1 ? 
ATOM   127 N  N6    . A   A 1 6  ? 0.320   8.754   -0.971  1.000 18.872 0 6   A   A N6    1 ? 
ATOM   128 N  N1    . A   A 1 6  ? -1.551  9.881   -1.649  1.000 17.525 0 6   A   A N1    1 ? 
ATOM   129 C  C2    . A   A 1 6  ? -2.697  10.484  -1.329  1.000 17.230 0 6   A   A C2    1 ? 
ATOM   130 N  N3    . A   A 1 6  ? -3.253  10.650  -0.136  1.000 19.447 0 6   A   A N3    1 ? 
ATOM   131 C  C4    . A   A 1 6  ? -2.498  10.068  0.809   1.000 16.895 0 6   A   A C4    1 ? 
ATOM   132 P  P     . G   A 1 7  ? -6.488  6.646   3.656   1.000 20.044 0 7   G   A P     1 ? 
ATOM   133 O  OP1   . G   A 1 7  ? -7.746  6.246   4.342   1.000 23.197 0 7   G   A OP1   1 ? 
ATOM   134 O  OP2   . G   A 1 7  ? -5.282  5.809   3.580   1.000 17.079 0 7   G   A OP2   1 ? 
ATOM   135 O  "O5'" . G   A 1 7  ? -6.766  6.767   2.071   1.000 18.208 0 7   G   A "O5'" 1 ? 
ATOM   136 C  "C5'" . G   A 1 7  ? -8.022  7.280   1.670   1.000 17.232 0 7   G   A "C5'" 1 ? 
ATOM   137 C  "C4'" . G   A 1 7  ? -7.998  7.573   0.193   1.000 16.325 0 7   G   A "C4'" 1 ? 
ATOM   138 O  "O4'" . G   A 1 7  ? -6.868  8.423   -0.103  1.000 16.614 0 7   G   A "O4'" 1 ? 
ATOM   139 C  "C3'" . G   A 1 7  ? -7.782  6.407   -0.768  1.000 16.020 0 7   G   A "C3'" 1 ? 
ATOM   140 O  "O3'" . G   A 1 7  ? -8.963  5.646   -0.931  1.000 16.652 0 7   G   A "O3'" 1 ? 
ATOM   141 C  "C2'" . G   A 1 7  ? -7.468  7.207   -2.032  1.000 16.229 0 7   G   A "C2'" 1 ? 
ATOM   142 O  "O2'" . G   A 1 7  ? -8.633  7.843   -2.498  1.000 16.036 0 7   G   A "O2'" 1 ? 
ATOM   143 C  "C1'" . G   A 1 7  ? -6.490  8.208   -1.443  1.000 16.632 0 7   G   A "C1'" 1 ? 
ATOM   144 N  N9    . G   A 1 7  ? -5.136  7.702   -1.467  1.000 14.623 0 7   G   A N9    1 ? 
ATOM   145 C  C8    . G   A 1 7  ? -4.376  7.221   -0.449  1.000 13.711 0 7   G   A C8    1 ? 
ATOM   146 N  N7    . G   A 1 7  ? -3.196  6.822   -0.853  1.000 14.256 0 7   G   A N7    1 ? 
ATOM   147 C  C5    . G   A 1 7  ? -3.201  7.050   -2.210  1.000 13.672 0 7   G   A C5    1 ? 
ATOM   148 C  C6    . G   A 1 7  ? -2.188  6.845   -3.168  1.000 13.501 0 7   G   A C6    1 ? 
ATOM   149 O  O6    . G   A 1 7  ? -1.073  6.372   -2.968  1.000 13.652 0 7   G   A O6    1 ? 
ATOM   150 N  N1    . G   A 1 7  ? -2.615  7.213   -4.444  1.000 13.907 0 7   G   A N1    1 ? 
ATOM   151 C  C2    . G   A 1 7  ? -3.843  7.736   -4.746  1.000 13.498 0 7   G   A C2    1 ? 
ATOM   152 N  N2    . G   A 1 7  ? -4.081  8.000   -6.034  1.000 15.536 0 7   G   A N2    1 ? 
ATOM   153 N  N3    . G   A 1 7  ? -4.800  7.969   -3.844  1.000 14.775 0 7   G   A N3    1 ? 
ATOM   154 C  C4    . G   A 1 7  ? -4.393  7.605   -2.604  1.000 14.459 0 7   G   A C4    1 ? 
ATOM   155 P  P     . A   A 1 8  ? -8.910  4.105   -1.359  1.000 18.401 0 8   A   A P     1 ? 
ATOM   156 O  OP1   . A   A 1 8  ? -10.341 3.716   -1.160  1.000 19.019 0 8   A   A OP1   1 ? 
ATOM   157 O  OP2   . A   A 1 8  ? -7.808  3.396   -0.648  1.000 18.011 0 8   A   A OP2   1 ? 
ATOM   158 O  "O5'" . A   A 1 8  ? -8.562  4.184   -2.906  1.000 16.484 0 8   A   A "O5'" 1 ? 
ATOM   159 C  "C5'" . A   A 1 8  ? -9.441  4.829   -3.835  1.000 16.907 0 8   A   A "C5'" 1 ? 
ATOM   160 C  "C4'" . A   A 1 8  ? -8.751  4.859   -5.166  1.000 17.738 0 8   A   A "C4'" 1 ? 
ATOM   161 O  "O4'" . A   A 1 8  ? -7.532  5.640   -5.104  1.000 18.620 0 8   A   A "O4'" 1 ? 
ATOM   162 C  "C3'" . A   A 1 8  ? -8.248  3.505   -5.647  1.000 18.807 0 8   A   A "C3'" 1 ? 
ATOM   163 O  "O3'" . A   A 1 8  ? -9.344  2.847   -6.225  1.000 22.341 0 8   A   A "O3'" 1 ? 
ATOM   164 C  "C2'" . A   A 1 8  ? -7.232  3.930   -6.693  1.000 17.845 0 8   A   A "C2'" 1 ? 
ATOM   165 O  "O2'" . A   A 1 8  ? -7.812  4.438   -7.875  1.000 18.956 0 8   A   A "O2'" 1 ? 
ATOM   166 C  "C1'" . A   A 1 8  ? -6.547  5.050   -5.931  1.000 17.436 0 8   A   A "C1'" 1 ? 
ATOM   167 N  N9    . A   A 1 8  ? -5.444  4.595   -5.099  1.000 13.748 0 8   A   A N9    1 ? 
ATOM   168 C  C8    . A   A 1 8  ? -5.411  4.365   -3.758  1.000 13.301 0 8   A   A C8    1 ? 
ATOM   169 N  N7    . A   A 1 8  ? -4.239  4.002   -3.325  1.000 13.432 0 8   A   A N7    1 ? 
ATOM   170 C  C5    . A   A 1 8  ? -3.431  4.010   -4.446  1.000 12.881 0 8   A   A C5    1 ? 
ATOM   171 C  C6    . A   A 1 8  ? -2.077  3.690   -4.670  1.000 13.461 0 8   A   A C6    1 ? 
ATOM   172 N  N6    . A   A 1 8  ? -1.217  3.384   -3.725  1.000 14.710 0 8   A   A N6    1 ? 
ATOM   173 N  N1    . A   A 1 8  ? -1.619  3.776   -5.930  1.000 13.845 0 8   A   A N1    1 ? 
ATOM   174 C  C2    . A   A 1 8  ? -2.456  4.123   -6.901  1.000 14.549 0 8   A   A C2    1 ? 
ATOM   175 N  N3    . A   A 1 8  ? -3.754  4.422   -6.824  1.000 14.460 0 8   A   A N3    1 ? 
ATOM   176 C  C4    . A   A 1 8  ? -4.180  4.347   -5.552  1.000 13.506 0 8   A   A C4    1 ? 
ATOM   177 P  P     . U   A 1 9  ? -9.508  1.270   -6.007  1.000 23.187 0 9   U   A P     1 ? 
ATOM   178 O  OP1   . U   A 1 9  ? -10.863 0.991   -6.575  1.000 22.114 0 9   U   A OP1   1 ? 
ATOM   179 O  OP2   . U   A 1 9  ? -9.083  0.670   -4.713  1.000 19.602 0 9   U   A OP2   1 ? 
ATOM   180 O  "O5'" . U   A 1 9  ? -8.486  0.750   -7.107  1.000 21.259 0 9   U   A "O5'" 1 ? 
ATOM   181 C  "C5'" . U   A 1 9  ? -8.640  1.194   -8.455  1.000 22.720 0 9   U   A "C5'" 1 ? 
ATOM   182 C  "C4'" . U   A 1 9  ? -7.407  0.778   -9.217  1.000 21.693 0 9   U   A "C4'" 1 ? 
ATOM   183 O  "O4'" . U   A 1 9  ? -6.298  1.636   -8.859  1.000 21.838 0 9   U   A "O4'" 1 ? 
ATOM   184 C  "C3'" . U   A 1 9  ? -6.872  -0.629  -8.922  1.000 21.941 0 9   U   A "C3'" 1 ? 
ATOM   185 O  "O3'" . U   A 1 9  ? -7.544  -1.619  -9.665  1.000 23.086 0 9   U   A "O3'" 1 ? 
ATOM   186 C  "C2'" . U   A 1 9  ? -5.452  -0.488  -9.457  1.000 21.976 0 9   U   A "C2'" 1 ? 
ATOM   187 O  "O2'" . U   A 1 9  ? -5.386  -0.417  -10.868 1.000 22.714 0 9   U   A "O2'" 1 ? 
ATOM   188 C  "C1'" . U   A 1 9  ? -5.096  0.884   -8.885  1.000 20.273 0 9   U   A "C1'" 1 ? 
ATOM   189 N  N1    . U   A 1 9  ? -4.514  0.806   -7.518  1.000 17.783 0 9   U   A N1    1 ? 
ATOM   190 C  C2    . U   A 1 9  ? -3.147  0.631   -7.443  1.000 15.617 0 9   U   A C2    1 ? 
ATOM   191 O  O2    . U   A 1 9  ? -2.453  0.519   -8.429  1.000 18.861 0 9   U   A O2    1 ? 
ATOM   192 N  N3    . U   A 1 9  ? -2.643  0.570   -6.179  1.000 16.082 0 9   U   A N3    1 ? 
ATOM   193 C  C4    . U   A 1 9  ? -3.346  0.669   -5.001  1.000 14.414 0 9   U   A C4    1 ? 
ATOM   194 O  O4    . U   A 1 9  ? -2.745  0.594   -3.940  1.000 15.323 0 9   U   A O4    1 ? 
ATOM   195 C  C5    . U   A 1 9  ? -4.762  0.830   -5.154  1.000 15.788 0 9   U   A C5    1 ? 
ATOM   196 C  C6    . U   A 1 9  ? -5.284  0.867   -6.385  1.000 15.775 0 9   U   A C6    1 ? 
HETATM 197 P  P     . RSP A 1 10 ? -7.740  -3.079  -9.050  1.000 25.568 0 10  RSP A P     1 ? 
HETATM 198 N  N1    . RSP A 1 10 ? -2.592  -3.290  -8.405  1.000 18.273 0 10  RSP A N1    1 ? 
HETATM 199 C  C2    . RSP A 1 10 ? -1.250  -3.220  -7.762  1.000 16.812 0 10  RSP A C2    1 ? 
HETATM 200 S  S2    . RSP A 1 10 ? 0.045   -3.483  -8.648  1.000 19.494 0 10  RSP A S2    1 ? 
HETATM 201 N  N3    . RSP A 1 10 ? -1.183  -2.957  -6.333  1.000 15.811 0 10  RSP A N3    1 ? 
HETATM 202 C  C4    . RSP A 1 10 ? -2.373  -2.725  -5.633  1.000 15.433 0 10  RSP A C4    1 ? 
HETATM 203 N  N4    . RSP A 1 10 ? -2.339  -2.429  -4.269  1.000 17.342 0 10  RSP A N4    1 ? 
HETATM 204 C  C5    . RSP A 1 10 ? -3.719  -2.798  -6.230  1.000 15.280 0 10  RSP A C5    1 ? 
HETATM 205 C  C6    . RSP A 1 10 ? -3.801  -3.085  -7.645  1.000 16.195 0 10  RSP A C6    1 ? 
HETATM 206 C  "C1'" . RSP A 1 10 ? -2.625  -3.569  -9.839  1.000 20.840 0 10  RSP A "C1'" 1 ? 
HETATM 207 C  "C2'" . RSP A 1 10 ? -2.545  -5.104  -10.150 1.000 20.339 0 10  RSP A "C2'" 1 ? 
HETATM 208 O  "O2'" . RSP A 1 10 ? -2.004  -5.256  -11.364 1.000 20.769 0 10  RSP A "O2'" 1 ? 
HETATM 209 C  "C3'" . RSP A 1 10 ? -4.000  -5.413  -10.084 1.000 20.226 0 10  RSP A "C3'" 1 ? 
HETATM 210 O  "O3'" . RSP A 1 10 ? -4.248  -6.665  -10.699 1.000 20.678 0 10  RSP A "O3'" 1 ? 
HETATM 211 C  "C4'" . RSP A 1 10 ? -4.513  -4.380  -10.817 1.000 22.410 0 10  RSP A "C4'" 1 ? 
HETATM 212 O  "O4'" . RSP A 1 10 ? -3.769  -3.126  -10.271 1.000 22.525 0 10  RSP A "O4'" 1 ? 
HETATM 213 C  "C5'" . RSP A 1 10 ? -5.984  -4.044  -10.723 1.000 23.300 0 10  RSP A "C5'" 1 ? 
HETATM 214 O  "O5'" . RSP A 1 10 ? -6.416  -3.924  -9.388  1.000 24.329 0 10  RSP A "O5'" 1 ? 
HETATM 215 O  OP1   . RSP A 1 10 ? -8.827  -3.653  -9.892  1.000 31.588 0 10  RSP A OP1   1 ? 
HETATM 216 O  OP2   . RSP A 1 10 ? -7.814  -3.211  -7.568  1.000 23.589 0 10  RSP A OP2   1 ? 
ATOM   217 P  P     . U   A 1 11 ? -4.303  -8.012  -9.834  1.000 24.747 0 11  U   A P     1 ? 
ATOM   218 O  OP1   . U   A 1 11 ? -4.610  -9.126  -10.781 1.000 23.693 0 11  U   A OP1   1 ? 
ATOM   219 O  OP2   . U   A 1 11 ? -5.072  -7.918  -8.556  1.000 26.698 0 11  U   A OP2   1 ? 
ATOM   220 O  "O5'" . U   A 1 11 ? -2.802  -8.183  -9.327  1.000 21.434 0 11  U   A "O5'" 1 ? 
ATOM   221 C  "C5'" . U   A 1 11 ? -1.781  -8.456  -10.270 1.000 22.210 0 11  U   A "C5'" 1 ? 
ATOM   222 C  "C4'" . U   A 1 11 ? -0.489  -8.455  -9.504  1.000 19.902 0 11  U   A "C4'" 1 ? 
ATOM   223 O  "O4'" . U   A 1 11 ? -0.254  -7.160  -8.903  1.000 22.244 0 11  U   A "O4'" 1 ? 
ATOM   224 C  "C3'" . U   A 1 11 ? -0.429  -9.405  -8.295  1.000 19.446 0 11  U   A "C3'" 1 ? 
ATOM   225 O  "O3'" . U   A 1 11 ? -0.154  -10.728 -8.731  1.000 18.637 0 11  U   A "O3'" 1 ? 
ATOM   226 C  "C2'" . U   A 1 11 ? 0.786   -8.822  -7.569  1.000 18.420 0 11  U   A "C2'" 1 ? 
ATOM   227 O  "O2'" . U   A 1 11 ? 2.006   -9.010  -8.243  1.000 20.871 0 11  U   A "O2'" 1 ? 
ATOM   228 C  "C1'" . U   A 1 11 ? 0.466   -7.335  -7.688  1.000 20.136 0 11  U   A "C1'" 1 ? 
ATOM   229 N  N1    . U   A 1 11 ? -0.318  -6.837  -6.539  1.000 16.091 0 11  U   A N1    1 ? 
ATOM   230 C  C2    . U   A 1 11 ? 0.397   -6.577  -5.382  1.000 14.025 0 11  U   A C2    1 ? 
ATOM   231 O  O2    . U   A 1 11 ? 1.584   -6.809  -5.302  1.000 16.926 0 11  U   A O2    1 ? 
ATOM   232 N  N3    . U   A 1 11 ? -0.330  -6.087  -4.341  1.000 15.113 0 11  U   A N3    1 ? 
ATOM   233 C  C4    . U   A 1 11 ? -1.658  -5.792  -4.339  1.000 15.234 0 11  U   A C4    1 ? 
ATOM   234 O  O4    . U   A 1 11 ? -2.178  -5.371  -3.316  1.000 20.660 0 11  U   A O4    1 ? 
ATOM   235 C  C5    . U   A 1 11 ? -2.348  -6.129  -5.549  1.000 16.000 0 11  U   A C5    1 ? 
ATOM   236 C  C6    . U   A 1 11 ? -1.663  -6.614  -6.593  1.000 14.761 0 11  U   A C6    1 ? 
ATOM   237 P  P     . U   A 1 12 ? -0.762  -12.001 -7.974  1.000 18.693 0 12  U   A P     1 ? 
ATOM   238 O  OP1   . U   A 1 12 ? -0.611  -13.176 -8.872  1.000 20.036 0 12  U   A OP1   1 ? 
ATOM   239 O  OP2   . U   A 1 12 ? -2.030  -11.737 -7.254  1.000 17.339 0 12  U   A OP2   1 ? 
ATOM   240 O  "O5'" . U   A 1 12 ? 0.276   -12.067 -6.759  1.000 17.757 0 12  U   A "O5'" 1 ? 
ATOM   241 C  "C5'" . U   A 1 12 ? 1.625   -12.504 -6.966  1.000 16.986 0 12  U   A "C5'" 1 ? 
ATOM   242 C  "C4'" . U   A 1 12 ? 2.329   -12.478 -5.634  1.000 16.063 0 12  U   A "C4'" 1 ? 
ATOM   243 O  "O4'" . U   A 1 12 ? 2.450   -11.128 -5.125  1.000 16.361 0 12  U   A "O4'" 1 ? 
ATOM   244 C  "C3'" . U   A 1 12 ? 1.620   -13.210 -4.500  1.000 14.907 0 12  U   A "C3'" 1 ? 
ATOM   245 O  "O3'" . U   A 1 12 ? 1.827   -14.593 -4.675  1.000 17.019 0 12  U   A "O3'" 1 ? 
ATOM   246 C  "C2'" . U   A 1 12 ? 2.354   -12.645 -3.293  1.000 15.248 0 12  U   A "C2'" 1 ? 
ATOM   247 O  "O2'" . U   A 1 12 ? 3.664   -13.180 -3.277  1.000 16.149 0 12  U   A "O2'" 1 ? 
ATOM   248 C  "C1'" . U   A 1 12 ? 2.387   -11.177 -3.707  1.000 14.843 0 12  U   A "C1'" 1 ? 
ATOM   249 N  N1    . U   A 1 12 ? 1.206   -10.414 -3.282  1.000 14.567 0 12  U   A N1    1 ? 
ATOM   250 C  C2    . U   A 1 12 ? 1.176   -9.929  -1.987  1.000 15.175 0 12  U   A C2    1 ? 
ATOM   251 O  O2    . U   A 1 12 ? 2.059   -10.134 -1.160  1.000 17.234 0 12  U   A O2    1 ? 
ATOM   252 N  N3    . U   A 1 12 ? 0.061   -9.192  -1.673  1.000 14.386 0 12  U   A N3    1 ? 
ATOM   253 C  C4    . U   A 1 12 ? -1.023  -8.924  -2.489  1.000 13.776 0 12  U   A C4    1 ? 
ATOM   254 O  O4    . U   A 1 12 ? -1.934  -8.216  -2.064  1.000 13.262 0 12  U   A O4    1 ? 
ATOM   255 C  C5    . U   A 1 12 ? -0.936  -9.491  -3.799  1.000 14.613 0 12  U   A C5    1 ? 
ATOM   256 C  C6    . U   A 1 12 ? 0.153   -10.201 -4.139  1.000 15.779 0 12  U   A C6    1 ? 
ATOM   257 P  P     . C   A 1 13 ? 0.685   -15.606 -4.220  1.000 17.786 0 13  C   A P     1 ? 
ATOM   258 O  OP1   . C   A 1 13 ? 1.007   -16.953 -4.765  1.000 18.118 0 13  C   A OP1   1 ? 
ATOM   259 O  OP2   . C   A 1 13 ? -0.715  -15.089 -4.321  1.000 19.054 0 13  C   A OP2   1 ? 
ATOM   260 O  "O5'" . C   A 1 13 ? 0.771   -15.606 -2.637  1.000 17.214 0 13  C   A "O5'" 1 ? 
ATOM   261 C  "C5'" . C   A 1 13 ? 1.943   -16.066 -1.975  1.000 16.638 0 13  C   A "C5'" 1 ? 
ATOM   262 C  "C4'" . C   A 1 13 ? 1.819   -15.787 -0.496  1.000 15.380 0 13  C   A "C4'" 1 ? 
ATOM   263 O  "O4'" . C   A 1 13 ? 1.883   -14.364 -0.255  1.000 16.227 0 13  C   A "O4'" 1 ? 
ATOM   264 C  "C3'" . C   A 1 13 ? 0.523   -16.211 0.204   1.000 15.121 0 13  C   A "C3'" 1 ? 
ATOM   265 O  "O3'" . C   A 1 13 ? 0.531   -17.580 0.556   1.000 15.093 0 13  C   A "O3'" 1 ? 
ATOM   266 C  "C2'" . C   A 1 13 ? 0.632   -15.389 1.490   1.000 13.819 0 13  C   A "C2'" 1 ? 
ATOM   267 O  "O2'" . C   A 1 13 ? 1.571   -15.848 2.433   1.000 16.282 0 13  C   A "O2'" 1 ? 
ATOM   268 C  "C1'" . C   A 1 13 ? 1.144   -14.073 0.915   1.000 15.548 0 13  C   A "C1'" 1 ? 
ATOM   269 N  N1    . C   A 1 13 ? 0.018   -13.176 0.574   1.000 14.347 0 13  C   A N1    1 ? 
ATOM   270 C  C2    . C   A 1 13 ? -0.500  -12.385 1.606   1.000 14.187 0 13  C   A C2    1 ? 
ATOM   271 O  O2    . C   A 1 13 ? -0.072  -12.537 2.772   1.000 15.861 0 13  C   A O2    1 ? 
ATOM   272 N  N3    . C   A 1 13 ? -1.540  -11.577 1.311   1.000 13.603 0 13  C   A N3    1 ? 
ATOM   273 C  C4    . C   A 1 13 ? -2.005  -11.476 0.066   1.000 12.781 0 13  C   A C4    1 ? 
ATOM   274 N  N4    . C   A 1 13 ? -3.006  -10.656 -0.173  1.000 14.371 0 13  C   A N4    1 ? 
ATOM   275 C  C5    . C   A 1 13 ? -1.469  -12.255 -0.990  1.000 13.827 0 13  C   A C5    1 ? 
ATOM   276 C  C6    . C   A 1 13 ? -0.480  -13.089 -0.689  1.000 12.987 0 13  C   A C6    1 ? 
ATOM   277 P  P     . U   A 1 14 ? -0.860  -18.375 0.700   1.000 15.167 0 14  U   A P     1 ? 
ATOM   278 O  OP1   . U   A 1 14 ? -0.529  -19.820 0.891   1.000 16.163 0 14  U   A OP1   1 ? 
ATOM   279 O  OP2   . U   A 1 14 ? -1.800  -17.936 -0.350  1.000 14.238 0 14  U   A OP2   1 ? 
ATOM   280 O  "O5'" . U   A 1 14 ? -1.536  -17.905 2.074   1.000 13.279 0 14  U   A "O5'" 1 ? 
ATOM   281 C  "C5'" . U   A 1 14 ? -0.949  -18.298 3.307   1.000 13.201 0 14  U   A "C5'" 1 ? 
ATOM   282 C  "C4'" . U   A 1 14 ? -1.511  -17.463 4.417   1.000 11.511 0 14  U   A "C4'" 1 ? 
ATOM   283 O  "O4'" . U   A 1 14 ? -1.368  -16.047 4.158   1.000 11.069 0 14  U   A "O4'" 1 ? 
ATOM   284 C  "C3'" . U   A 1 14 ? -3.001  -17.621 4.698   1.000 11.433 0 14  U   A "C3'" 1 ? 
ATOM   285 O  "O3'" . U   A 1 14 ? -3.240  -18.789 5.438   1.000 11.664 0 14  U   A "O3'" 1 ? 
ATOM   286 C  "C2'" . U   A 1 14 ? -3.220  -16.398 5.579   1.000 11.392 0 14  U   A "C2'" 1 ? 
ATOM   287 O  "O2'" . U   A 1 14 ? -2.610  -16.582 6.834   1.000 11.595 0 14  U   A "O2'" 1 ? 
ATOM   288 C  "C1'" . U   A 1 14 ? -2.444  -15.356 4.781   1.000 11.020 0 14  U   A "C1'" 1 ? 
ATOM   289 N  N1    . U   A 1 14 ? -3.218  -14.697 3.727   1.000 10.890 0 14  U   A N1    1 ? 
ATOM   290 C  C2    . U   A 1 14 ? -4.075  -13.698 4.129   1.000 9.510  0 14  U   A C2    1 ? 
ATOM   291 O  O2    . U   A 1 14 ? -4.259  -13.422 5.310   1.000 8.794  0 14  U   A O2    1 ? 
ATOM   292 N  N3    . U   A 1 14 ? -4.715  -13.046 3.109   1.000 10.235 0 14  U   A N3    1 ? 
ATOM   293 C  C4    . U   A 1 14 ? -4.569  -13.276 1.759   1.000 10.812 0 14  U   A C4    1 ? 
ATOM   294 O  O4    . U   A 1 14 ? -5.222  -12.611 0.963   1.000 11.603 0 14  U   A O4    1 ? 
ATOM   295 C  C5    . U   A 1 14 ? -3.659  -14.332 1.419   1.000 10.670 0 14  U   A C5    1 ? 
ATOM   296 C  C6    . U   A 1 14 ? -3.048  -15.012 2.403   1.000 10.033 0 14  U   A C6    1 ? 
ATOM   297 P  P     . C   A 1 15 ? -4.673  -19.492 5.410   1.000 12.497 0 15  C   A P     1 ? 
ATOM   298 O  OP1   . C   A 1 15 ? -4.477  -20.834 6.034   1.000 12.938 0 15  C   A OP1   1 ? 
ATOM   299 O  OP2   . C   A 1 15 ? -5.318  -19.407 4.070   1.000 12.818 0 15  C   A OP2   1 ? 
ATOM   300 O  "O5'" . C   A 1 15 ? -5.625  -18.630 6.365   1.000 12.726 0 15  C   A "O5'" 1 ? 
ATOM   301 C  "C5'" . C   A 1 15 ? -5.305  -18.486 7.767   1.000 11.899 0 15  C   A "C5'" 1 ? 
ATOM   302 C  "C4'" . C   A 1 15 ? -6.161  -17.380 8.335   1.000 11.354 0 15  C   A "C4'" 1 ? 
ATOM   303 O  "O4'" . C   A 1 15 ? -5.851  -16.122 7.713   1.000 10.952 0 15  C   A "O4'" 1 ? 
ATOM   304 C  "C3'" . C   A 1 15 ? -7.658  -17.531 8.093   1.000 12.248 0 15  C   A "C3'" 1 ? 
ATOM   305 O  "O3'" . C   A 1 15 ? -8.247  -18.344 9.058   1.000 14.216 0 15  C   A "O3'" 1 ? 
ATOM   306 C  "C2'" . C   A 1 15 ? -8.157  -16.118 8.297   1.000 11.916 0 15  C   A "C2'" 1 ? 
ATOM   307 O  "O2'" . C   A 1 15 ? -8.063  -15.729 9.635   1.000 13.042 0 15  C   A "O2'" 1 ? 
ATOM   308 C  "C1'" . C   A 1 15 ? -7.051  -15.382 7.560   1.000 12.092 0 15  C   A "C1'" 1 ? 
ATOM   309 N  N1    . C   A 1 15 ? -7.333  -15.202 6.126   1.000 10.677 0 15  C   A N1    1 ? 
ATOM   310 C  C2    . C   A 1 15 ? -8.133  -14.113 5.776   1.000 11.241 0 15  C   A C2    1 ? 
ATOM   311 O  O2    . C   A 1 15 ? -8.710  -13.498 6.687   1.000 11.429 0 15  C   A O2    1 ? 
ATOM   312 N  N3    . C   A 1 15 ? -8.320  -13.854 4.456   1.000 10.414 0 15  C   A N3    1 ? 
ATOM   313 C  C4    . C   A 1 15 ? -7.708  -14.603 3.528   1.000 10.964 0 15  C   A C4    1 ? 
ATOM   314 N  N4    . C   A 1 15 ? -7.877  -14.290 2.255   1.000 12.019 0 15  C   A N4    1 ? 
ATOM   315 C  C5    . C   A 1 15 ? -6.890  -15.701 3.874   1.000 11.162 0 15  C   A C5    1 ? 
ATOM   316 C  C6    . C   A 1 15 ? -6.739  -15.966 5.171   1.000 10.718 0 15  C   A C6    1 ? 
ATOM   317 P  P     . U   A 1 16 ? -9.444  -19.316 8.680   1.000 14.256 0 16  U   A P     1 ? 
ATOM   318 O  OP1   . U   A 1 16 ? -9.735  -20.123 9.900   1.000 15.447 0 16  U   A OP1   1 ? 
ATOM   319 O  OP2   . U   A 1 16 ? -9.180  -20.043 7.404   1.000 12.768 0 16  U   A OP2   1 ? 
ATOM   320 O  "O5'" . U   A 1 16 ? -10.663 -18.322 8.441   1.000 12.365 0 16  U   A "O5'" 1 ? 
ATOM   321 C  "C5'" . U   A 1 16 ? -11.210 -17.617 9.563   1.000 12.758 0 16  U   A "C5'" 1 ? 
ATOM   322 C  "C4'" . U   A 1 16 ? -12.202 -16.608 9.075   1.000 12.630 0 16  U   A "C4'" 1 ? 
ATOM   323 O  "O4'" . U   A 1 16 ? -11.497 -15.653 8.249   1.000 11.702 0 16  U   A "O4'" 1 ? 
ATOM   324 C  "C3'" . U   A 1 16 ? -13.332 -17.100 8.167   1.000 13.519 0 16  U   A "C3'" 1 ? 
ATOM   325 O  "O3'" . U   A 1 16 ? -14.343 -17.778 8.906   1.000 16.569 0 16  U   A "O3'" 1 ? 
ATOM   326 C  "C2'" . U   A 1 16 ? -13.752 -15.784 7.510   1.000 12.141 0 16  U   A "C2'" 1 ? 
ATOM   327 O  "O2'" . U   A 1 16 ? -14.515 -14.986 8.380   1.000 11.484 0 16  U   A "O2'" 1 ? 
ATOM   328 C  "C1'" . U   A 1 16 ? -12.379 -15.147 7.280   1.000 11.812 0 16  U   A "C1'" 1 ? 
ATOM   329 N  N1    . U   A 1 16 ? -11.809 -15.462 5.953   1.000 10.531 0 16  U   A N1    1 ? 
ATOM   330 C  C2    . U   A 1 16 ? -12.269 -14.683 4.902   1.000 10.362 0 16  U   A C2    1 ? 
ATOM   331 O  O2    . U   A 1 16 ? -13.108 -13.804 5.030   1.000 10.324 0 16  U   A O2    1 ? 
ATOM   332 N  N3    . U   A 1 16 ? -11.709 -14.968 3.695   1.000 11.068 0 16  U   A N3    1 ? 
ATOM   333 C  C4    . U   A 1 16 ? -10.821 -15.965 3.408   1.000 10.099 0 16  U   A C4    1 ? 
ATOM   334 O  O4    . U   A 1 16 ? -10.459 -16.111 2.231   1.000 9.859  0 16  U   A O4    1 ? 
ATOM   335 C  C5    . U   A 1 16 ? -10.411 -16.751 4.548   1.000 10.708 0 16  U   A C5    1 ? 
ATOM   336 C  C6    . U   A 1 16 ? -10.900 -16.467 5.762   1.000 10.380 0 16  U   A C6    1 ? 
HETATM 337 MG MG    . MG  B 2 .  ? 0.777   5.135   1.795   1.000 70.234 0 101 MG  A MG    1 ? 
HETATM 338 MG MG    . MG  C 2 .  ? 6.593   9.841   -1.675  1.000 47.624 0 102 MG  A MG    1 ? 
HETATM 339 O  O     . HOH D 3 .  ? 3.285   -7.400  -6.590  1.000 25.719 0 201 HOH A O     1 ? 
HETATM 340 O  O     . HOH D 3 .  ? 16.702  13.530  -2.448  1.000 35.874 0 202 HOH A O     1 ? 
HETATM 341 O  O     . HOH D 3 .  ? -10.244 -22.303 10.595  1.000 50.837 0 203 HOH A O     1 ? 
HETATM 342 O  O     . HOH D 3 .  ? 10.260  11.584  -5.554  1.000 45.078 0 204 HOH A O     1 ? 
HETATM 343 O  O     . HOH D 3 .  ? -5.233  -6.522  -6.638  1.000 44.104 0 205 HOH A O     1 ? 
HETATM 344 O  O     . HOH D 3 .  ? -5.245  11.995  0.026   1.000 43.603 0 206 HOH A O     1 ? 
HETATM 345 O  O     . HOH D 3 .  ? -1.128  -22.025 0.087   1.000 38.281 0 207 HOH A O     1 ? 
HETATM 346 O  O     . HOH D 3 .  ? 2.444   -10.492 -10.125 1.000 24.740 0 208 HOH A O     1 ? 
HETATM 347 O  O     . HOH D 3 .  ? 1.090   7.399   1.966   1.000 30.760 0 209 HOH A O     1 ? 
HETATM 348 O  O     . HOH D 3 .  ? 12.625  6.162   -3.165  1.000 28.616 0 210 HOH A O     1 ? 
HETATM 349 O  O     . HOH D 3 .  ? 0.497   5.784   -1.143  1.000 33.135 0 211 HOH A O     1 ? 
HETATM 350 O  O     . HOH D 3 .  ? -0.172  -13.251 -11.332 1.000 53.470 0 212 HOH A O     1 ? 
HETATM 351 O  O     . HOH D 3 .  ? 7.566   4.871   7.742   1.000 34.578 0 213 HOH A O     1 ? 
HETATM 352 O  O     . HOH D 3 .  ? -4.753  -11.656 -10.926 1.000 38.691 0 214 HOH A O     1 ? 
HETATM 353 O  O     . HOH D 3 .  ? 5.739   14.159  10.037  1.000 38.141 0 215 HOH A O     1 ? 
HETATM 354 O  O     . HOH D 3 .  ? 3.924   -11.237 0.203   1.000 34.497 0 216 HOH A O     1 ? 
HETATM 355 O  O     . HOH D 3 .  ? -15.352 -12.583 5.194   1.000 28.958 0 217 HOH A O     1 ? 
HETATM 356 O  O     . HOH D 3 .  ? 6.354   10.128  1.504   1.000 29.982 0 218 HOH A O     1 ? 
HETATM 357 O  O     . HOH D 3 .  ? -3.312  11.093  8.996   1.000 38.597 0 219 HOH A O     1 ? 
HETATM 358 O  O     . HOH D 3 .  ? -0.040  -18.202 -6.757  1.000 40.202 0 220 HOH A O     1 ? 
HETATM 359 O  O     . HOH D 3 .  ? 10.031  9.592   -1.652  1.000 27.201 0 221 HOH A O     1 ? 
HETATM 360 O  O     . HOH D 3 .  ? -8.572  4.128   5.566   1.000 35.086 0 222 HOH A O     1 ? 
HETATM 361 O  O     . HOH D 3 .  ? -5.429  -13.048 -1.606  1.000 27.210 0 223 HOH A O     1 ? 
HETATM 362 O  O     . HOH D 3 .  ? 5.138   11.404  -0.280  1.000 37.846 0 224 HOH A O     1 ? 
HETATM 363 O  O     . HOH D 3 .  ? -4.415  -18.082 -0.054  1.000 33.239 0 225 HOH A O     1 ? 
HETATM 364 O  O     . HOH D 3 .  ? -2.694  13.751  4.590   1.000 31.287 0 226 HOH A O     1 ? 
HETATM 365 O  O     . HOH D 3 .  ? -1.219  1.870   -10.338 0.500 79.685 0 227 HOH A O     1 ? 
HETATM 366 O  O     . HOH D 3 .  ? 2.595   -18.269 2.730   0.330 14.928 0 228 HOH A O     1 ? 
HETATM 367 O  O     . HOH D 3 .  ? -4.288  -7.828  -3.218  1.000 36.835 0 229 HOH A O     1 ? 
HETATM 368 O  O     . HOH D 3 .  ? -1.589  7.864   10.490  1.000 31.933 0 230 HOH A O     1 ? 
HETATM 369 O  O     . HOH D 3 .  ? -4.833  -19.838 1.495   1.000 41.069 0 231 HOH A O     1 ? 
HETATM 370 O  O     . HOH D 3 .  ? -7.220  -21.740 6.826   1.000 35.709 0 232 HOH A O     1 ? 
HETATM 371 O  O     . HOH D 3 .  ? 8.122   15.663  -2.727  1.000 17.358 0 233 HOH A O     1 ? 
HETATM 372 O  O     . HOH D 3 .  ? 8.558   8.315   1.619   1.000 36.518 0 234 HOH A O     1 ? 
HETATM 373 O  O     . HOH D 3 .  ? 7.833   11.547  -1.244  1.000 16.840 0 235 HOH A O     1 ? 
HETATM 374 O  O     . HOH D 3 .  ? -4.304  4.063   1.777   1.000 46.002 0 236 HOH A O     1 ? 
HETATM 375 O  O     . HOH D 3 .  ? 16.198  15.007  -1.163  1.000 31.369 0 237 HOH A O     1 ? 
HETATM 376 O  O     . HOH D 3 .  ? -5.096  5.165   -9.046  1.000 33.784 0 238 HOH A O     1 ? 
HETATM 377 O  O     . HOH D 3 .  ? 14.358  13.505  3.552   1.000 25.292 0 239 HOH A O     1 ? 
HETATM 378 O  O     . HOH D 3 .  ? -3.414  0.871   -1.328  1.000 38.473 0 240 HOH A O     1 ? 
HETATM 379 O  O     . HOH D 3 .  ? -2.540  -15.771 -1.807  1.000 20.861 0 241 HOH A O     1 ? 
HETATM 380 O  O     . HOH D 3 .  ? -4.792  3.574   -0.703  1.000 39.232 0 242 HOH A O     1 ? 
HETATM 381 O  O     . HOH D 3 .  ? 9.390   13.071  -3.356  1.000 22.385 0 243 HOH A O     1 ? 
HETATM 382 O  O     . HOH D 3 .  ? -2.947  -6.225  -13.719 1.000 35.854 0 244 HOH A O     1 ? 
HETATM 383 O  O     . HOH D 3 .  ? -2.392  -20.972 7.773   1.000 32.517 0 245 HOH A O     1 ? 
HETATM 384 O  O     . HOH D 3 .  ? -1.352  -15.567 -7.787  1.000 32.941 0 246 HOH A O     1 ? 
HETATM 385 O  O     . HOH D 3 .  ? 4.914   -14.028 -1.000  1.000 19.492 0 247 HOH A O     1 ? 
HETATM 386 O  O     . HOH D 3 .  ? 13.688  12.149  5.543   1.000 36.735 0 248 HOH A O     1 ? 
HETATM 387 O  O     . HOH D 3 .  ? 11.697  9.802   8.397   1.000 26.458 0 249 HOH A O     1 ? 
HETATM 388 O  O     . HOH D 3 .  ? 0.673   -5.744  -11.668 1.000 28.751 0 250 HOH A O     1 ? 
HETATM 389 O  O     . HOH D 3 .  ? -11.324 7.522   -2.097  1.000 21.672 0 251 HOH A O     1 ? 
HETATM 390 O  O     . HOH D 3 .  ? -8.742  -18.075 1.384   1.000 19.906 0 252 HOH A O     1 ? 
HETATM 391 O  O     . HOH D 3 .  ? 9.231   14.314  6.658   1.000 19.983 0 253 HOH A O     1 ? 
HETATM 392 O  O     . HOH D 3 .  ? -1.425  -18.620 8.252   1.000 16.557 0 254 HOH A O     1 ? 
HETATM 393 O  O     . HOH D 3 .  ? -1.558  5.556   0.980   1.000 26.651 0 255 HOH A O     1 ? 
HETATM 394 O  O     . HOH D 3 .  ? 5.152   7.676   4.225   1.000 25.798 0 256 HOH A O     1 ? 
HETATM 395 O  O     . HOH D 3 .  ? -1.076  4.787   5.043   1.000 42.489 0 257 HOH A O     1 ? 
HETATM 396 O  O     . HOH D 3 .  ? 3.829   8.672   2.344   1.000 18.227 0 258 HOH A O     1 ? 
HETATM 397 O  O     . HOH D 3 .  ? 14.607  5.992   3.310   1.000 42.895 0 259 HOH A O     1 ? 
HETATM 398 O  O     . HOH D 3 .  ? -3.373  -9.584  -6.054  1.000 27.494 0 260 HOH A O     1 ? 
HETATM 399 O  O     . HOH D 3 .  ? -8.131  -21.313 11.886  1.000 46.958 0 261 HOH A O     1 ? 
HETATM 400 O  O     . HOH D 3 .  ? -2.509  -12.919 -4.493  1.000 23.407 0 262 HOH A O     1 ? 
HETATM 401 O  O     . HOH D 3 .  ? 1.263   -20.716 2.881   0.330 17.193 0 263 HOH A O     1 ? 
HETATM 402 O  O     . HOH D 3 .  ? -5.764  -14.944 11.075  1.000 25.169 0 264 HOH A O     1 ? 
HETATM 403 O  O     . HOH D 3 .  ? -3.972  -10.967 -2.811  1.000 25.794 0 265 HOH A O     1 ? 
HETATM 404 O  O     . HOH D 3 .  ? 1.524   7.377   4.959   1.000 26.763 0 266 HOH A O     1 ? 
HETATM 405 O  O     . HOH D 3 .  ? 3.227   8.721   11.711  1.000 47.795 0 267 HOH A O     1 ? 
HETATM 406 O  O     . HOH D 3 .  ? -10.238 7.653   4.016   0.330 28.745 0 268 HOH A O     1 ? 
HETATM 407 O  O     . HOH D 3 .  ? -7.412  -1.717  -5.115  1.000 32.920 0 269 HOH A O     1 ? 
HETATM 408 O  O     . HOH D 3 .  ? 10.010  7.163   9.329   1.000 36.641 0 270 HOH A O     1 ? 
HETATM 409 O  O     . HOH D 3 .  ? -6.701  -16.094 0.280   1.000 15.694 0 271 HOH A O     1 ? 
HETATM 410 O  O     . HOH D 3 .  ? -8.185  -19.531 4.674   1.000 24.860 0 272 HOH A O     1 ? 
HETATM 411 O  O     . HOH D 3 .  ? -7.003  1.340   -2.749  1.000 26.358 0 273 HOH A O     1 ? 
HETATM 412 O  O     . HOH D 3 .  ? 0.703   6.168   10.098  1.000 36.978 0 274 HOH A O     1 ? 
HETATM 413 O  O     . HOH D 3 .  ? 5.049   5.047   7.142   1.000 49.506 0 275 HOH A O     1 ? 
HETATM 414 O  O     . HOH D 3 .  ? -5.180  -2.298  -3.337  1.000 26.117 0 276 HOH A O     1 ? 
HETATM 415 O  O     . HOH D 3 .  ? -9.022  9.877   3.879   0.330 26.802 0 277 HOH A O     1 ? 
HETATM 416 O  O     . HOH D 3 .  ? -2.005  4.531   8.866   1.000 38.321 0 278 HOH A O     1 ? 
HETATM 417 O  O     . HOH D 3 .  ? 11.009  5.064   6.430   1.000 29.961 0 279 HOH A O     1 ? 
HETATM 418 O  O     . HOH D 3 .  ? -8.131  -22.705 9.385   1.000 39.538 0 280 HOH A O     1 ? 
HETATM 419 O  O     . HOH D 3 .  ? 12.399  4.041   0.254   1.000 40.483 0 281 HOH A O     1 ? 
HETATM 420 O  O     . HOH D 3 .  ? 8.288   13.794  9.209   1.000 42.055 0 282 HOH A O     1 ? 
HETATM 421 O  O     . HOH D 3 .  ? -2.185  6.217   3.533   1.000 42.462 0 283 HOH A O     1 ? 
HETATM 422 O  O     . HOH D 3 .  ? 9.102   18.937  -4.957  1.000 47.707 0 284 HOH A O     1 ? 
HETATM 423 O  O     . HOH D 3 .  ? -2.363  3.240   -0.810  1.000 35.161 0 285 HOH A O     1 ? 
HETATM 424 O  O     . HOH D 3 .  ? -3.775  -12.272 8.195   1.000 39.488 0 286 HOH A O     1 ? 
HETATM 425 O  O     . HOH D 3 .  ? -5.170  13.308  5.172   1.000 38.341 0 287 HOH A O     1 ? 
HETATM 426 O  O     . HOH D 3 .  ? 5.866   13.995  -2.897  1.000 27.365 0 288 HOH A O     1 ? 
HETATM 427 O  O     . HOH D 3 .  ? -1.018  -0.247  -11.349 1.000 43.998 0 289 HOH A O     1 ? 
HETATM 428 O  O     . HOH D 3 .  ? 0.633   -11.258 -11.996 1.000 38.950 0 290 HOH A O     1 ? 
HETATM 429 O  O     . HOH D 3 .  ? 4.301   8.944   -0.224  1.000 36.747 0 291 HOH A O     1 ? 
HETATM 430 O  O     . HOH D 3 .  ? 4.748   -14.338 2.488   0.330 16.338 0 292 HOH A O     1 ? 
HETATM 431 O  O     . HOH D 3 .  ? -6.862  13.829  3.635   0.330 15.187 0 293 HOH A O     1 ? 
HETATM 432 O  O     . HOH D 3 .  ? -12.627 -1.513  -8.540  1.000 40.783 0 294 HOH A O     1 ? 
HETATM 433 O  O     . HOH D 3 .  ? 8.412   5.365   0.612   1.000 54.398 0 295 HOH A O     1 ? 
HETATM 434 O  O     . HOH D 3 .  ? -5.665  -8.029  -1.239  1.000 41.935 0 296 HOH A O     1 ? 
HETATM 435 O  O     . HOH D 3 .  ? 7.114   17.768  -4.018  1.000 38.847 0 297 HOH A O     1 ? 
HETATM 436 O  O     . HOH D 3 .  ? 16.883  14.178  1.485   1.000 31.552 0 298 HOH A O     1 ? 
HETATM 437 O  O     . HOH D 3 .  ? 8.312   11.229  11.116  1.000 41.898 0 299 HOH A O     1 ? 
HETATM 438 O  O     . HOH D 3 .  ? -5.718  -19.265 -2.210  1.000 50.211 0 300 HOH A O     1 ? 
HETATM 439 O  O     . HOH D 3 .  ? -4.380  -22.652 0.449   1.000 53.254 0 301 HOH A O     1 ? 
HETATM 440 O  O     . HOH D 3 .  ? -5.328  -15.720 -2.744  1.000 32.864 0 302 HOH A O     1 ? 
HETATM 441 O  O     . HOH D 3 .  ? 3.456   4.920   1.441   1.000 41.057 0 303 HOH A O     1 ? 
# 
